data_8Y0D
#
_entry.id   8Y0D
#
_cell.length_a   68.962
_cell.length_b   145.567
_cell.length_c   97.528
_cell.angle_alpha   90.000
_cell.angle_beta   93.986
_cell.angle_gamma   90.000
#
_symmetry.space_group_name_H-M   'P 1 21 1'
#
loop_
_entity.id
_entity.type
_entity.pdbx_description
1 polymer 'RNA (73-MER)'
2 polymer "DNA (5'-D(P*GP*TP*AP*AP*AP*GP*TP*TP*AP*AP*AP*TP*AP*GP*CP*AP*GP*AP*C)-3')"
3 polymer 'CRISPR-associated endonuclease Cas9'
4 water water
#
loop_
_entity_poly.entity_id
_entity_poly.type
_entity_poly.pdbx_seq_one_letter_code
_entity_poly.pdbx_strand_id
1 'polyribonucleotide' GGUCUGCUAUUUAACUUUACGUUUUAGUACUCUGGAAACAGAAUCUACUAAAACAAGGCAAAAUGCCGUGUUUC B
2 'polydeoxyribonucleotide' (DG)(DT)(DA)(DA)(DA)(DG)(DT)(DT)(DA)(DA)(DA)(DT)(DA)(DG)(DC)(DA)(DG)(DA)(DC)(DC) C
3 'polypeptide(L)'
;MKRNYILGLDIGITSVGYGIIDYETRDVIDAGVRLFKEANVENNEGRRSKRGARRLKRRRRHRIQRVKKLLFDYNLLTDH
SELSGINPYEARVKGLSQKLSEEEFSAALLHLAKRRGVHNVNEVEEDTGNELSTKEQISRNSKALEEKYVAELQLERLKK
DGEVRGSINRFKTSDYVKEAKQLLKVQKAYHQLDQSFIDTYIDLLETRRTYYEGPGEGSPFGWKDIKEWYEMLMGHCTYF
PEELRSVKYAYNADLYNALNDLNNLVITRDENEKLEYYEKFQIIENVFKQKKKPTLKQIAKEILVNEEDIKGYRVTSTGK
PEFTNLKVYHDIKDITARKEIIENAELLDQIAKILTIYQSSEDIQEELTNLNSELTQEEIEQISNLKGYTGTHNLSLKAI
NLILDELWHTNDNQIAIFNRLKLVPKKVDLSQQKEIPTTLVDDFILSPVVKRSFIQSIKVINAIIKKYGLPNDIIIELAR
EKNSKDAQKMINEMQKRNRQTNERIEEIIRTTGKENAKYLIEKIKLHDMQEGKCLYSLEAIPLEDLLNNPFNYEVDHIIP
RSVSFDNSFNNKVLVKQEEASKKGNRTPFQYLSSSDSKISYETFKKHILNLAKGKGRISKTKKEYLLEERDINRFSVQKD
FINRNLVDTRYATRGLMNLLRSYFRVNNLDVKVKSINGGFTSFLRRKWKFKKERNKGYKHHAEDALIIANADFIFKEWKK
LDKAKKVMENQMFEEKQAESMPEIETEQEYKEIFITPHQIKHIKDFKDYKYSHRVDKKPNRELINDTLYSTRKDDKGNTL
IVNNLNGLYDKDNDKLKKLINKSPEKLLMYHHDPQTYQKLKLIMEQYGDEKNPLYKYYEETGNYLTKYSKKDNGPVIKKI
KYYGNKLNAHLDITDDYPNSRNKVVKLSLKPYRFDVYLDNGVYKFVTVKNLDVIKKENYYEVNSKAYEEAKKLKKISNQA
EFIASFYNNDLIKINGELYRVIGVNNDLLNRIEVNMIDITYREYLENMNDKRPPRIIKTIASKTQSIKKYSTDILGNLYE
VKSKKHPQIIKKG
;
A
#
# COMPACT_ATOMS: atom_id res chain seq x y z
N ARG C 3 -2.88 -18.61 39.00
CA ARG C 3 -3.92 -19.60 38.80
C ARG C 3 -4.23 -19.74 37.32
N ASN C 4 -5.17 -20.62 36.99
CA ASN C 4 -5.64 -20.73 35.61
C ASN C 4 -6.35 -19.45 35.21
N TYR C 5 -6.20 -19.06 33.95
CA TYR C 5 -6.73 -17.76 33.55
C TYR C 5 -7.07 -17.73 32.09
N ILE C 6 -8.14 -17.01 31.76
CA ILE C 6 -8.46 -16.68 30.38
C ILE C 6 -7.54 -15.55 29.92
N LEU C 7 -7.14 -15.58 28.66
CA LEU C 7 -6.31 -14.54 28.06
C LEU C 7 -7.15 -13.83 27.00
N GLY C 8 -7.66 -12.65 27.34
CA GLY C 8 -8.36 -11.83 26.38
C GLY C 8 -7.43 -10.81 25.73
N LEU C 9 -7.73 -10.49 24.47
CA LEU C 9 -6.87 -9.59 23.70
C LEU C 9 -7.72 -8.77 22.74
N ASP C 10 -7.54 -7.45 22.80
CA ASP C 10 -8.12 -6.51 21.85
C ASP C 10 -7.05 -6.10 20.85
N ILE C 11 -7.34 -6.26 19.57
CA ILE C 11 -6.36 -6.03 18.52
C ILE C 11 -6.83 -4.82 17.71
N GLY C 12 -6.14 -3.70 17.90
CA GLY C 12 -6.27 -2.54 17.05
C GLY C 12 -4.94 -2.28 16.35
N ILE C 13 -4.91 -1.18 15.60
CA ILE C 13 -3.70 -0.87 14.86
C ILE C 13 -2.69 -0.15 15.74
N THR C 14 -3.16 0.73 16.63
CA THR C 14 -2.27 1.49 17.48
C THR C 14 -1.99 0.82 18.82
N SER C 15 -2.81 -0.14 19.22
CA SER C 15 -2.76 -0.62 20.58
C SER C 15 -3.05 -2.11 20.67
N VAL C 16 -2.36 -2.78 21.60
CA VAL C 16 -2.72 -4.11 22.06
C VAL C 16 -3.14 -3.99 23.51
N GLY C 17 -4.35 -4.45 23.81
CA GLY C 17 -4.82 -4.56 25.17
C GLY C 17 -5.00 -6.03 25.52
N TYR C 18 -4.76 -6.36 26.80
CA TYR C 18 -4.88 -7.73 27.27
C TYR C 18 -5.69 -7.77 28.55
N GLY C 19 -6.42 -8.88 28.73
CA GLY C 19 -7.17 -9.13 29.93
C GLY C 19 -6.89 -10.50 30.51
N ILE C 20 -6.65 -10.58 31.81
CA ILE C 20 -6.25 -11.83 32.48
C ILE C 20 -7.25 -12.07 33.60
N ILE C 21 -8.32 -12.81 33.32
CA ILE C 21 -9.32 -13.17 34.29
C ILE C 21 -9.19 -14.66 34.58
N ASP C 22 -9.32 -15.04 35.84
CA ASP C 22 -9.17 -16.44 36.20
C ASP C 22 -10.28 -17.27 35.57
N TYR C 23 -9.94 -18.52 35.22
CA TYR C 23 -10.88 -19.40 34.55
C TYR C 23 -12.12 -19.68 35.39
N GLU C 24 -11.97 -19.71 36.72
CA GLU C 24 -13.06 -20.10 37.61
C GLU C 24 -13.57 -18.96 38.47
N THR C 25 -12.70 -18.29 39.22
CA THR C 25 -13.15 -17.31 40.21
C THR C 25 -13.76 -16.07 39.59
N ARG C 26 -13.51 -15.83 38.29
CA ARG C 26 -13.90 -14.62 37.57
C ARG C 26 -13.12 -13.40 38.03
N ASP C 27 -12.20 -13.54 38.98
CA ASP C 27 -11.37 -12.42 39.40
C ASP C 27 -10.26 -12.17 38.40
N VAL C 28 -9.84 -10.91 38.31
CA VAL C 28 -8.89 -10.49 37.30
C VAL C 28 -7.53 -10.32 37.94
N ILE C 29 -6.52 -10.97 37.35
CA ILE C 29 -5.18 -11.00 37.91
C ILE C 29 -4.41 -9.75 37.50
N ASP C 30 -4.31 -9.51 36.20
CA ASP C 30 -3.65 -8.33 35.68
C ASP C 30 -4.36 -7.87 34.42
N ALA C 31 -4.10 -6.63 34.03
CA ALA C 31 -4.68 -6.03 32.83
C ALA C 31 -3.96 -4.75 32.45
N GLY C 32 -3.63 -4.60 31.17
CA GLY C 32 -2.95 -3.41 30.70
C GLY C 32 -3.10 -3.26 29.20
N VAL C 33 -2.43 -2.25 28.65
CA VAL C 33 -2.52 -1.95 27.22
C VAL C 33 -1.12 -1.64 26.69
N ARG C 34 -0.78 -2.21 25.53
CA ARG C 34 0.49 -1.99 24.85
C ARG C 34 0.24 -1.20 23.57
N LEU C 35 0.97 -0.10 23.39
CA LEU C 35 0.64 0.92 22.41
C LEU C 35 1.82 1.25 21.51
N PHE C 36 1.50 1.76 20.33
CA PHE C 36 2.48 2.11 19.32
C PHE C 36 1.80 2.90 18.20
N LYS C 37 2.60 3.59 17.42
CA LYS C 37 2.11 4.40 16.32
C LYS C 37 1.75 3.51 15.12
N GLU C 38 0.68 3.88 14.42
CA GLU C 38 0.23 3.10 13.27
C GLU C 38 1.29 3.08 12.18
N ALA C 39 1.43 1.94 11.53
CA ALA C 39 2.38 1.79 10.44
C ALA C 39 1.87 2.49 9.17
N ASN C 40 2.80 2.80 8.26
CA ASN C 40 2.48 3.53 7.04
C ASN C 40 3.14 2.84 5.86
N VAL C 41 2.31 2.32 4.92
CA VAL C 41 2.83 1.81 3.65
C VAL C 41 3.02 2.92 2.62
N GLU C 42 2.49 4.12 2.88
CA GLU C 42 2.71 5.23 1.97
C GLU C 42 4.16 5.67 2.03
N ASN C 43 4.76 5.62 3.21
CA ASN C 43 6.21 5.78 3.31
C ASN C 43 6.94 4.59 2.71
N ASN C 44 6.28 3.41 2.64
C ASN C 44 7.03 2.35 0.54
N GLU C 45 5.93 2.69 -0.13
CA GLU C 45 5.96 2.84 -1.59
C GLU C 45 7.09 3.76 -2.01
N GLY C 46 7.35 4.80 -1.23
CA GLY C 46 8.42 5.72 -1.57
C GLY C 46 9.80 5.11 -1.38
N ARG C 47 10.00 4.34 -0.30
CA ARG C 47 11.32 3.80 0.00
C ARG C 47 11.78 2.85 -1.10
N ARG C 48 10.90 1.96 -1.56
CA ARG C 48 11.29 1.05 -2.63
C ARG C 48 11.28 1.74 -3.98
N SER C 49 10.31 2.63 -4.21
CA SER C 49 10.28 3.37 -5.47
C SER C 49 11.48 4.30 -5.59
N LYS C 50 11.74 5.11 -4.57
CA LYS C 50 12.89 6.01 -4.61
C LYS C 50 14.19 5.22 -4.79
N ARG C 51 14.30 4.08 -4.12
CA ARG C 51 15.43 3.18 -4.36
C ARG C 51 15.57 2.89 -5.85
N GLY C 52 14.43 2.64 -6.51
CA GLY C 52 14.44 2.55 -7.96
C GLY C 52 14.41 3.89 -8.65
N ALA C 53 13.78 4.88 -8.02
CA ALA C 53 13.70 6.20 -8.65
C ALA C 53 15.02 6.96 -8.55
N ARG C 54 15.76 6.75 -7.47
CA ARG C 54 17.08 7.37 -7.38
C ARG C 54 18.01 6.82 -8.45
N ARG C 55 17.94 5.51 -8.71
CA ARG C 55 18.72 4.93 -9.80
C ARG C 55 18.24 5.42 -11.17
N LEU C 56 16.96 5.79 -11.28
CA LEU C 56 16.46 6.37 -12.53
C LEU C 56 17.17 7.68 -12.84
N LYS C 57 17.31 8.54 -11.82
CA LYS C 57 18.14 9.74 -11.98
C LYS C 57 19.57 9.36 -12.34
N ARG C 58 20.05 8.22 -11.85
CA ARG C 58 21.37 7.75 -12.26
C ARG C 58 21.36 7.16 -13.66
N ARG C 59 20.23 6.59 -14.07
CA ARG C 59 20.12 6.05 -15.43
C ARG C 59 20.32 7.13 -16.47
N ARG C 60 19.73 8.30 -16.25
CA ARG C 60 20.04 9.43 -17.13
C ARG C 60 21.44 9.96 -16.83
N ARG C 61 21.87 9.91 -15.57
CA ARG C 61 23.17 10.48 -15.22
C ARG C 61 24.33 9.58 -15.66
N HIS C 62 24.15 8.26 -15.57
CA HIS C 62 25.22 7.34 -15.94
C HIS C 62 25.54 7.44 -17.42
N ARG C 63 24.52 7.60 -18.27
CA ARG C 63 24.74 7.68 -19.71
C ARG C 63 25.62 8.87 -20.07
N ILE C 64 25.31 10.04 -19.49
CA ILE C 64 26.05 11.26 -19.81
C ILE C 64 27.50 11.18 -19.37
N GLN C 65 27.74 10.74 -18.14
CA GLN C 65 29.11 10.67 -17.65
C GLN C 65 29.95 9.78 -18.55
N ARG C 66 29.37 8.68 -19.05
CA ARG C 66 30.15 7.72 -19.81
C ARG C 66 30.57 8.29 -21.16
N VAL C 67 29.69 9.05 -21.83
CA VAL C 67 29.99 9.49 -23.19
C VAL C 67 30.99 10.65 -23.18
N LYS C 68 30.88 11.57 -22.21
CA LYS C 68 31.89 12.61 -22.08
C LYS C 68 33.26 12.01 -21.75
N LYS C 69 33.30 11.01 -20.87
CA LYS C 69 34.55 10.33 -20.58
C LYS C 69 35.04 9.51 -21.77
N LEU C 70 34.11 8.86 -22.49
CA LEU C 70 34.49 8.06 -23.65
C LEU C 70 35.12 8.92 -24.74
N LEU C 71 34.64 10.16 -24.89
CA LEU C 71 35.20 11.05 -25.89
C LEU C 71 36.61 11.48 -25.51
N PHE C 72 36.86 11.69 -24.21
CA PHE C 72 38.22 11.98 -23.76
C PHE C 72 39.17 10.84 -24.12
N ASP C 73 38.71 9.59 -23.99
CA ASP C 73 39.52 8.46 -24.41
C ASP C 73 39.73 8.46 -25.93
N TYR C 74 38.68 8.78 -26.69
CA TYR C 74 38.81 8.90 -28.13
C TYR C 74 39.51 10.20 -28.53
N ASN C 75 39.63 11.14 -27.60
CA ASN C 75 40.28 12.44 -27.80
C ASN C 75 39.53 13.36 -28.76
N LEU C 76 38.21 13.15 -28.92
CA LEU C 76 37.39 14.17 -29.60
C LEU C 76 37.19 15.39 -28.72
N LEU C 77 37.19 15.20 -27.40
CA LEU C 77 37.08 16.27 -26.42
C LEU C 77 38.22 16.20 -25.43
N THR C 78 38.77 17.36 -25.08
CA THR C 78 39.77 17.49 -24.03
C THR C 78 39.35 18.58 -23.06
N ASP C 79 39.98 18.60 -21.89
CA ASP C 79 39.68 19.61 -20.88
C ASP C 79 39.78 21.03 -21.43
N HIS C 80 40.55 21.21 -22.52
CA HIS C 80 40.67 22.52 -23.13
C HIS C 80 39.34 22.95 -23.75
N SER C 81 38.59 22.01 -24.31
CA SER C 81 37.39 22.34 -25.08
C SER C 81 36.35 23.04 -24.21
N GLU C 82 35.67 24.02 -24.81
CA GLU C 82 34.62 24.77 -24.14
C GLU C 82 33.31 24.56 -24.88
N LEU C 83 32.25 24.25 -24.13
CA LEU C 83 30.93 23.98 -24.69
C LEU C 83 29.92 25.06 -24.32
N SER C 84 30.37 26.22 -23.87
CA SER C 84 29.46 27.15 -23.22
C SER C 84 28.38 27.67 -24.17
N GLY C 85 28.69 27.78 -25.46
CA GLY C 85 27.83 28.54 -26.35
C GLY C 85 26.75 27.74 -27.04
N ILE C 86 26.84 26.41 -27.02
CA ILE C 86 26.03 25.61 -27.92
C ILE C 86 24.53 25.76 -27.61
N ASN C 87 23.72 25.53 -28.64
CA ASN C 87 22.26 25.50 -28.56
C ASN C 87 21.81 24.19 -29.20
N PRO C 88 22.10 23.04 -28.53
CA PRO C 88 22.11 21.74 -29.22
C PRO C 88 20.86 21.39 -30.03
N TYR C 89 19.79 22.16 -29.90
CA TYR C 89 18.63 21.91 -30.76
C TYR C 89 18.89 22.34 -32.20
N GLU C 90 19.89 23.18 -32.43
CA GLU C 90 20.34 23.54 -33.76
C GLU C 90 21.51 22.68 -34.23
N ALA C 91 22.31 22.14 -33.31
CA ALA C 91 23.46 21.34 -33.71
C ALA C 91 23.02 20.03 -34.35
N ARG C 92 21.93 19.44 -33.85
CA ARG C 92 21.40 18.21 -34.45
C ARG C 92 20.57 18.48 -35.70
N VAL C 93 20.64 19.68 -36.25
CA VAL C 93 20.08 20.01 -37.55
C VAL C 93 21.16 20.42 -38.55
N LYS C 94 22.13 21.23 -38.11
CA LYS C 94 23.33 21.46 -38.91
C LYS C 94 24.21 20.22 -38.98
N GLY C 95 23.99 19.25 -38.09
CA GLY C 95 24.81 18.05 -38.10
C GLY C 95 24.55 17.15 -39.29
N LEU C 96 23.27 16.97 -39.63
CA LEU C 96 22.94 16.14 -40.78
C LEU C 96 23.27 16.83 -42.10
N SER C 97 23.25 18.16 -42.11
CA SER C 97 23.41 18.91 -43.35
C SER C 97 24.88 19.15 -43.70
N GLN C 98 25.65 19.72 -42.76
CA GLN C 98 26.99 20.24 -43.07
C GLN C 98 28.02 19.74 -42.06
N LYS C 99 29.30 19.91 -42.44
CA LYS C 99 30.40 19.55 -41.57
C LYS C 99 30.39 20.38 -40.31
N LEU C 100 30.66 19.74 -39.17
CA LEU C 100 30.51 20.42 -37.90
C LEU C 100 31.75 20.18 -37.05
N SER C 101 32.01 21.14 -36.17
CA SER C 101 33.24 21.14 -35.39
C SER C 101 33.31 19.93 -34.46
N GLU C 102 34.46 19.78 -33.82
CA GLU C 102 34.64 18.81 -32.75
C GLU C 102 34.08 19.31 -31.43
N GLU C 103 33.55 20.55 -31.39
CA GLU C 103 32.82 21.07 -30.24
C GLU C 103 31.33 21.16 -30.49
N GLU C 104 30.91 21.35 -31.73
CA GLU C 104 29.49 21.37 -32.07
C GLU C 104 28.90 19.98 -32.27
N PHE C 105 29.74 18.93 -32.31
CA PHE C 105 29.31 17.55 -32.47
C PHE C 105 29.18 16.80 -31.15
N SER C 106 30.07 17.08 -30.19
CA SER C 106 29.97 16.44 -28.89
C SER C 106 28.74 16.89 -28.11
N ALA C 107 28.24 18.10 -28.39
CA ALA C 107 27.05 18.57 -27.69
C ALA C 107 25.81 17.87 -28.21
N ALA C 108 25.58 17.93 -29.53
CA ALA C 108 24.43 17.27 -30.14
C ALA C 108 24.37 15.79 -29.79
N LEU C 109 25.52 15.15 -29.62
CA LEU C 109 25.54 13.78 -29.11
C LEU C 109 25.02 13.73 -27.67
N LEU C 110 25.55 14.59 -26.81
CA LEU C 110 25.31 14.48 -25.38
C LEU C 110 23.88 14.91 -25.01
N HIS C 111 23.36 15.95 -25.66
CA HIS C 111 21.97 16.31 -25.46
C HIS C 111 21.05 15.16 -25.87
N LEU C 112 21.43 14.40 -26.89
CA LEU C 112 20.73 13.16 -27.20
C LEU C 112 20.93 12.13 -26.11
N ALA C 113 22.19 11.87 -25.74
CA ALA C 113 22.51 10.82 -24.78
C ALA C 113 21.77 11.02 -23.45
N LYS C 114 21.34 12.25 -23.18
CA LYS C 114 20.63 12.53 -21.94
C LYS C 114 19.15 12.24 -22.07
N ARG C 115 18.57 12.53 -23.22
CA ARG C 115 17.13 12.41 -23.43
C ARG C 115 16.95 11.43 -24.58
N ARG C 116 16.60 10.18 -24.25
CA ARG C 116 16.73 9.07 -25.18
C ARG C 116 15.44 8.31 -25.47
N GLY C 117 14.30 8.76 -24.96
CA GLY C 117 13.04 8.21 -25.39
C GLY C 117 12.74 6.82 -24.85
N VAL C 118 11.58 6.33 -25.27
CA VAL C 118 10.94 5.14 -24.73
C VAL C 118 10.92 4.04 -25.80
N HIS C 119 10.97 2.78 -25.34
CA HIS C 119 10.75 1.67 -26.27
C HIS C 119 9.30 1.18 -26.19
N ASN C 120 8.71 1.18 -25.00
CA ASN C 120 7.38 0.60 -24.83
C ASN C 120 6.34 1.30 -25.70
N VAL C 121 6.46 2.62 -25.83
CA VAL C 121 5.30 3.36 -26.32
C VAL C 121 5.16 3.28 -27.85
N ASN C 122 6.26 3.00 -28.57
CA ASN C 122 6.20 2.99 -30.03
C ASN C 122 5.20 1.95 -30.53
N GLU C 123 5.22 0.76 -29.94
CA GLU C 123 4.50 -0.39 -30.47
C GLU C 123 3.05 -0.08 -30.81
N VAL C 124 2.36 0.65 -29.94
CA VAL C 124 0.95 0.93 -30.12
C VAL C 124 0.77 2.40 -30.45
N GLU C 125 -0.38 2.71 -31.03
CA GLU C 125 -0.83 4.06 -31.33
C GLU C 125 -2.24 4.22 -30.80
N GLU C 126 -2.77 5.45 -30.88
CA GLU C 126 -4.15 5.73 -30.49
C GLU C 126 -4.63 6.95 -31.26
N ASP C 127 -5.83 7.41 -30.94
CA ASP C 127 -6.35 8.68 -31.43
C ASP C 127 -6.05 9.79 -30.42
N THR C 128 -6.48 11.01 -30.74
CA THR C 128 -6.24 12.18 -29.90
C THR C 128 -7.53 12.55 -29.18
N GLY C 129 -7.47 12.60 -27.84
CA GLY C 129 -8.63 12.87 -27.04
C GLY C 129 -8.47 14.08 -26.15
N ASN C 130 -7.69 15.06 -26.62
CA ASN C 130 -7.48 16.31 -25.89
C ASN C 130 -6.88 16.07 -24.51
N GLU C 131 -5.92 15.15 -24.43
CA GLU C 131 -5.29 14.79 -23.17
C GLU C 131 -3.77 14.78 -23.35
N LEU C 132 -3.09 14.55 -22.24
CA LEU C 132 -1.63 14.53 -22.19
C LEU C 132 -1.09 13.11 -22.08
N SER C 133 -1.80 12.15 -22.64
CA SER C 133 -1.39 10.76 -22.52
C SER C 133 -0.02 10.57 -23.16
N THR C 134 0.55 9.39 -22.91
CA THR C 134 1.76 8.94 -23.58
C THR C 134 1.45 8.08 -24.79
N LYS C 135 0.31 7.37 -24.77
CA LYS C 135 -0.15 6.72 -25.99
C LYS C 135 -0.73 7.72 -26.97
N GLU C 136 -1.21 8.87 -26.48
CA GLU C 136 -1.68 9.92 -27.38
C GLU C 136 -0.53 10.77 -27.91
N GLN C 137 0.41 11.13 -27.04
CA GLN C 137 1.42 12.11 -27.44
C GLN C 137 2.38 11.52 -28.44
N ILE C 138 2.88 10.31 -28.18
CA ILE C 138 3.76 9.66 -29.14
C ILE C 138 2.99 9.27 -30.39
N SER C 139 1.70 9.02 -30.26
CA SER C 139 0.88 8.83 -31.46
C SER C 139 0.80 10.11 -32.27
N ARG C 140 0.64 11.25 -31.60
CA ARG C 140 0.68 12.53 -32.32
C ARG C 140 2.07 12.84 -32.83
N ASN C 141 3.11 12.51 -32.06
CA ASN C 141 4.43 13.07 -32.33
C ASN C 141 5.01 12.51 -33.62
N SER C 142 4.82 11.21 -33.88
CA SER C 142 5.46 10.60 -35.04
C SER C 142 4.75 10.91 -36.36
N LYS C 143 3.43 11.17 -36.34
CA LYS C 143 2.80 11.68 -37.55
C LYS C 143 3.43 13.00 -37.96
N ALA C 144 3.58 13.92 -37.01
CA ALA C 144 4.28 15.17 -37.28
C ALA C 144 5.74 14.91 -37.63
N LEU C 145 6.32 13.82 -37.09
CA LEU C 145 7.72 13.46 -37.28
C LEU C 145 7.96 12.39 -38.34
N GLU C 146 6.91 11.92 -39.01
CA GLU C 146 7.11 10.93 -40.07
C GLU C 146 8.02 11.48 -41.17
N GLU C 147 7.77 12.71 -41.60
CA GLU C 147 8.57 13.30 -42.68
C GLU C 147 9.91 13.83 -42.17
N LYS C 148 9.90 14.56 -41.06
CA LYS C 148 11.08 15.28 -40.57
C LYS C 148 11.57 14.65 -39.27
N TYR C 149 12.87 14.77 -39.03
CA TYR C 149 13.48 14.08 -37.90
C TYR C 149 13.31 14.87 -36.60
N VAL C 150 13.65 14.21 -35.49
CA VAL C 150 13.31 14.68 -34.15
C VAL C 150 13.74 16.13 -33.94
N ALA C 151 15.06 16.35 -33.98
CA ALA C 151 15.61 17.68 -33.75
C ALA C 151 15.01 18.72 -34.67
N GLU C 152 14.83 18.37 -35.95
CA GLU C 152 14.30 19.34 -36.92
C GLU C 152 12.99 19.94 -36.42
N LEU C 153 11.99 19.09 -36.15
CA LEU C 153 10.72 19.60 -35.67
C LEU C 153 10.86 20.26 -34.30
N GLN C 154 11.60 19.63 -33.38
CA GLN C 154 11.93 20.32 -32.14
C GLN C 154 12.51 21.70 -32.42
N LEU C 155 13.48 21.76 -33.33
CA LEU C 155 14.01 23.05 -33.76
C LEU C 155 12.93 23.89 -34.44
N GLU C 156 12.17 23.28 -35.35
CA GLU C 156 10.99 23.95 -35.89
C GLU C 156 10.07 24.44 -34.78
N ARG C 157 9.97 23.65 -33.71
CA ARG C 157 9.14 24.08 -32.58
C ARG C 157 9.79 25.23 -31.82
N LEU C 158 11.13 25.22 -31.71
CA LEU C 158 11.83 26.32 -31.06
C LEU C 158 11.60 27.64 -31.80
N LYS C 159 11.50 27.59 -33.13
CA LYS C 159 11.40 28.81 -33.92
C LYS C 159 10.04 29.48 -33.75
N LYS C 160 8.98 28.69 -33.56
CA LYS C 160 7.62 29.18 -33.57
C LYS C 160 7.01 29.31 -32.18
N ASP C 161 7.03 28.22 -31.38
CA ASP C 161 6.42 28.29 -30.05
C ASP C 161 7.23 29.17 -29.10
N GLY C 162 8.56 29.14 -29.23
CA GLY C 162 9.44 29.75 -28.26
C GLY C 162 9.82 28.86 -27.10
N GLU C 163 9.21 27.67 -27.00
CA GLU C 163 9.51 26.72 -25.94
C GLU C 163 9.51 25.32 -26.54
N VAL C 164 10.49 24.51 -26.17
CA VAL C 164 10.62 23.16 -26.69
C VAL C 164 10.27 22.11 -25.64
N ARG C 165 10.78 22.27 -24.42
CA ARG C 165 10.59 21.24 -23.40
C ARG C 165 9.18 21.25 -22.85
N GLY C 166 8.79 20.11 -22.29
CA GLY C 166 7.46 19.96 -21.72
C GLY C 166 6.87 18.62 -22.09
N SER C 167 5.53 18.59 -22.20
CA SER C 167 4.84 17.33 -22.42
C SER C 167 5.06 16.81 -23.84
N ILE C 168 5.19 17.72 -24.80
CA ILE C 168 5.22 17.29 -26.20
C ILE C 168 6.52 16.60 -26.57
N ASN C 169 7.54 16.70 -25.72
CA ASN C 169 8.90 16.32 -26.10
C ASN C 169 9.19 14.83 -25.85
N ARG C 170 8.19 14.03 -25.50
CA ARG C 170 8.40 12.58 -25.41
C ARG C 170 8.58 12.01 -26.81
N PHE C 171 9.35 10.92 -26.91
CA PHE C 171 9.61 10.32 -28.20
C PHE C 171 9.96 8.85 -28.04
N LYS C 172 9.91 8.12 -29.15
CA LYS C 172 10.38 6.74 -29.17
C LYS C 172 11.90 6.72 -29.31
N THR C 173 12.54 5.72 -28.70
CA THR C 173 13.98 5.57 -28.84
C THR C 173 14.36 5.39 -30.31
N SER C 174 13.42 4.94 -31.13
CA SER C 174 13.67 4.70 -32.55
C SER C 174 14.07 5.98 -33.28
N ASP C 175 13.15 6.94 -33.37
CA ASP C 175 13.42 8.19 -34.07
C ASP C 175 14.75 8.81 -33.65
N TYR C 176 15.01 8.85 -32.34
CA TYR C 176 16.31 9.23 -31.83
C TYR C 176 17.41 8.41 -32.47
N VAL C 177 17.31 7.08 -32.37
CA VAL C 177 18.32 6.19 -32.92
C VAL C 177 18.34 6.25 -34.45
N LYS C 178 17.16 6.31 -35.08
CA LYS C 178 17.11 6.46 -36.53
C LYS C 178 17.78 7.75 -36.97
N GLU C 179 17.57 8.83 -36.23
CA GLU C 179 18.24 10.09 -36.53
C GLU C 179 19.66 10.12 -36.01
N ALA C 180 19.96 9.40 -34.92
CA ALA C 180 21.33 9.27 -34.44
C ALA C 180 22.15 8.30 -35.30
N LYS C 181 21.49 7.39 -36.03
CA LYS C 181 22.16 6.69 -37.11
C LYS C 181 22.26 7.56 -38.35
N GLN C 182 21.31 8.47 -38.54
CA GLN C 182 21.35 9.38 -39.68
C GLN C 182 22.44 10.43 -39.49
N LEU C 183 22.66 10.84 -38.24
CA LEU C 183 23.62 11.92 -37.98
C LEU C 183 25.05 11.43 -38.20
N LEU C 184 25.48 10.42 -37.45
CA LEU C 184 26.85 9.94 -37.52
C LEU C 184 27.28 9.57 -38.94
N LYS C 185 26.31 9.32 -39.82
CA LYS C 185 26.58 9.05 -41.24
C LYS C 185 27.18 10.26 -41.95
N VAL C 186 27.00 11.46 -41.41
CA VAL C 186 27.40 12.69 -42.07
C VAL C 186 28.77 13.18 -41.60
N GLN C 187 29.01 13.17 -40.29
CA GLN C 187 30.34 13.48 -39.76
C GLN C 187 31.29 12.30 -39.88
N LYS C 188 30.86 11.18 -40.46
CA LYS C 188 31.70 9.99 -40.51
C LYS C 188 32.99 10.24 -41.29
N ALA C 189 32.88 10.87 -42.47
CA ALA C 189 34.05 11.17 -43.27
C ALA C 189 34.77 12.44 -42.83
N TYR C 190 34.14 13.25 -41.99
CA TYR C 190 34.75 14.49 -41.52
C TYR C 190 35.70 14.27 -40.35
N HIS C 191 35.59 13.13 -39.67
CA HIS C 191 36.49 12.77 -38.58
C HIS C 191 36.66 11.25 -38.60
N GLN C 192 37.89 10.80 -38.81
CA GLN C 192 38.16 9.37 -38.97
C GLN C 192 37.75 8.59 -37.72
N LEU C 193 36.93 7.56 -37.91
CA LEU C 193 36.37 6.80 -36.81
C LEU C 193 35.87 5.46 -37.34
N ASP C 194 35.57 4.56 -36.42
CA ASP C 194 35.30 3.17 -36.75
C ASP C 194 33.79 2.94 -36.95
N GLN C 195 33.41 1.68 -37.15
CA GLN C 195 32.03 1.24 -37.02
C GLN C 195 31.71 0.81 -35.60
N SER C 196 32.73 0.39 -34.84
CA SER C 196 32.52 0.10 -33.42
C SER C 196 32.09 1.34 -32.65
N PHE C 197 32.44 2.53 -33.15
CA PHE C 197 32.00 3.76 -32.50
C PHE C 197 30.53 4.05 -32.78
N ILE C 198 30.08 3.83 -34.03
CA ILE C 198 28.64 3.88 -34.32
C ILE C 198 27.90 2.65 -33.79
N ASP C 199 28.61 1.71 -33.18
CA ASP C 199 28.05 0.60 -32.40
C ASP C 199 28.04 0.89 -30.91
N THR C 200 29.19 1.26 -30.34
CA THR C 200 29.28 1.54 -28.91
C THR C 200 28.42 2.74 -28.53
N TYR C 201 28.47 3.82 -29.32
CA TYR C 201 27.69 5.00 -28.99
C TYR C 201 26.20 4.73 -29.13
N ILE C 202 25.79 4.12 -30.25
CA ILE C 202 24.37 3.83 -30.44
C ILE C 202 23.88 2.83 -29.40
N ASP C 203 24.81 2.08 -28.79
CA ASP C 203 24.48 1.22 -27.67
C ASP C 203 24.45 1.99 -26.36
N LEU C 204 25.21 3.07 -26.27
CA LEU C 204 25.15 3.88 -25.07
C LEU C 204 24.02 4.89 -25.08
N LEU C 205 23.29 5.01 -26.21
CA LEU C 205 22.16 5.91 -26.31
C LEU C 205 20.82 5.20 -26.21
N GLU C 206 20.69 4.01 -26.80
CA GLU C 206 19.42 3.29 -26.81
C GLU C 206 19.37 2.17 -25.78
N THR C 207 20.47 1.46 -25.55
CA THR C 207 20.41 0.23 -24.78
C THR C 207 20.02 0.53 -23.33
N ARG C 208 19.41 -0.47 -22.69
CA ARG C 208 18.89 -0.28 -21.35
C ARG C 208 18.44 -1.63 -20.81
N ARG C 209 18.26 -1.68 -19.50
CA ARG C 209 17.98 -2.94 -18.80
C ARG C 209 16.58 -3.45 -19.11
N THR C 210 16.32 -4.69 -18.69
CA THR C 210 15.00 -5.31 -18.76
C THR C 210 14.78 -6.12 -17.49
N TYR C 211 13.51 -6.48 -17.24
CA TYR C 211 13.07 -6.89 -15.90
C TYR C 211 13.71 -8.18 -15.40
N TYR C 212 14.68 -8.81 -16.06
CA TYR C 212 15.32 -10.01 -15.53
C TYR C 212 16.81 -9.84 -15.30
N GLU C 213 17.41 -8.75 -15.78
CA GLU C 213 18.85 -8.57 -15.59
C GLU C 213 19.16 -8.11 -14.17
N GLY C 214 18.25 -7.32 -13.57
CA GLY C 214 18.44 -6.82 -12.24
C GLY C 214 19.55 -5.79 -12.16
N PRO C 215 19.69 -5.16 -11.01
CA PRO C 215 20.83 -4.26 -10.80
C PRO C 215 22.12 -5.04 -10.56
N GLY C 216 23.17 -4.35 -10.15
CA GLY C 216 24.49 -4.93 -10.06
C GLY C 216 24.65 -5.92 -8.92
N GLU C 217 25.90 -6.39 -8.77
CA GLU C 217 26.16 -7.55 -7.92
C GLU C 217 26.10 -7.19 -6.44
N GLY C 218 26.62 -6.04 -6.05
CA GLY C 218 26.66 -5.69 -4.63
C GLY C 218 25.31 -5.38 -4.03
N SER C 219 24.33 -5.02 -4.85
CA SER C 219 23.03 -4.63 -4.34
C SER C 219 22.29 -5.83 -3.76
N PRO C 220 21.67 -5.69 -2.59
CA PRO C 220 20.75 -6.75 -2.13
C PRO C 220 19.60 -6.91 -3.10
N PHE C 221 19.07 -5.79 -3.60
CA PHE C 221 18.02 -5.79 -4.60
C PHE C 221 18.42 -6.53 -5.88
N GLY C 222 19.74 -6.74 -6.09
CA GLY C 222 20.21 -7.40 -7.27
C GLY C 222 20.51 -8.88 -7.09
N TRP C 223 20.56 -9.60 -8.20
CA TRP C 223 20.75 -11.03 -8.24
C TRP C 223 21.78 -11.42 -9.29
N LYS C 224 22.11 -12.72 -9.33
CA LYS C 224 23.29 -13.19 -10.02
C LYS C 224 23.02 -13.68 -11.44
N ASP C 225 21.85 -14.25 -11.70
CA ASP C 225 21.53 -14.75 -13.04
C ASP C 225 20.02 -14.74 -13.22
N ILE C 226 19.56 -15.39 -14.30
CA ILE C 226 18.12 -15.53 -14.53
C ILE C 226 17.54 -16.67 -13.72
N LYS C 227 18.37 -17.64 -13.31
CA LYS C 227 17.85 -18.77 -12.54
C LYS C 227 17.41 -18.33 -11.16
N GLU C 228 18.22 -17.54 -10.47
CA GLU C 228 17.89 -17.12 -9.12
C GLU C 228 16.74 -16.10 -9.09
N TRP C 229 16.44 -15.44 -10.21
CA TRP C 229 15.29 -14.55 -10.27
C TRP C 229 14.00 -15.33 -9.99
N TYR C 230 13.71 -16.32 -10.84
CA TYR C 230 12.51 -17.14 -10.64
C TYR C 230 12.63 -18.01 -9.40
N GLU C 231 13.83 -18.54 -9.12
CA GLU C 231 14.01 -19.51 -8.05
C GLU C 231 13.68 -18.96 -6.67
N MET C 232 13.28 -17.69 -6.54
CA MET C 232 12.72 -17.19 -5.29
C MET C 232 11.48 -16.34 -5.52
N LEU C 233 10.92 -16.36 -6.73
CA LEU C 233 9.63 -15.76 -7.02
C LEU C 233 8.53 -16.79 -7.26
N MET C 234 8.87 -18.05 -7.45
CA MET C 234 7.85 -19.08 -7.62
C MET C 234 7.51 -19.69 -6.26
N GLY C 235 6.24 -20.02 -6.07
CA GLY C 235 5.80 -20.60 -4.81
C GLY C 235 6.35 -22.00 -4.59
N HIS C 236 5.95 -22.59 -3.47
CA HIS C 236 6.36 -23.95 -3.12
C HIS C 236 5.15 -24.86 -3.08
N CYS C 237 5.41 -26.17 -3.22
CA CYS C 237 4.35 -27.15 -3.38
C CYS C 237 3.39 -27.14 -2.20
N THR C 238 2.10 -27.28 -2.50
CA THR C 238 1.09 -27.38 -1.46
C THR C 238 1.31 -28.61 -0.57
N TYR C 239 1.91 -29.67 -1.13
CA TYR C 239 2.16 -30.90 -0.39
C TYR C 239 3.63 -31.17 -0.12
N PHE C 240 4.53 -30.75 -1.01
CA PHE C 240 5.98 -30.97 -0.85
C PHE C 240 6.71 -29.62 -0.88
N PRO C 241 6.49 -28.76 0.11
CA PRO C 241 6.99 -27.39 0.02
C PRO C 241 8.52 -27.26 -0.04
N GLU C 242 9.27 -28.35 0.19
CA GLU C 242 10.72 -28.25 0.14
C GLU C 242 11.21 -28.09 -1.29
N GLU C 243 10.45 -28.56 -2.27
CA GLU C 243 10.76 -28.33 -3.67
C GLU C 243 10.25 -26.96 -4.09
N LEU C 244 10.28 -26.68 -5.39
CA LEU C 244 9.70 -25.48 -5.96
C LEU C 244 8.61 -25.86 -6.95
N ARG C 245 7.60 -24.99 -7.04
CA ARG C 245 6.47 -25.25 -7.92
C ARG C 245 6.92 -25.46 -9.35
N SER C 246 6.40 -26.52 -9.97
CA SER C 246 6.62 -26.74 -11.39
C SER C 246 5.91 -25.63 -12.19
N VAL C 247 6.22 -25.58 -13.48
CA VAL C 247 5.60 -24.60 -14.36
C VAL C 247 4.19 -25.07 -14.69
N LYS C 248 3.21 -24.16 -14.60
CA LYS C 248 1.82 -24.54 -14.82
C LYS C 248 1.57 -25.07 -16.21
N TYR C 249 2.55 -25.02 -17.09
CA TYR C 249 2.31 -25.33 -18.48
C TYR C 249 3.29 -26.37 -18.98
N ALA C 250 4.03 -27.01 -18.08
CA ALA C 250 4.81 -28.17 -18.43
C ALA C 250 3.89 -29.30 -18.88
N TYR C 251 4.41 -30.16 -19.75
CA TYR C 251 3.59 -31.22 -20.32
C TYR C 251 3.02 -32.13 -19.23
N ASN C 252 3.82 -32.47 -18.22
CA ASN C 252 3.36 -33.38 -17.17
C ASN C 252 2.23 -32.75 -16.37
N ALA C 253 2.42 -31.51 -15.91
CA ALA C 253 1.35 -30.81 -15.19
C ALA C 253 0.12 -30.67 -16.06
N ASP C 254 0.31 -30.30 -17.33
CA ASP C 254 -0.81 -30.16 -18.24
C ASP C 254 -1.51 -31.48 -18.48
N LEU C 255 -0.85 -32.60 -18.15
CA LEU C 255 -1.43 -33.93 -18.25
C LEU C 255 -2.12 -34.32 -16.94
N TYR C 256 -1.44 -34.09 -15.81
CA TYR C 256 -2.09 -34.29 -14.52
C TYR C 256 -3.38 -33.49 -14.42
N ASN C 257 -3.40 -32.31 -15.04
CA ASN C 257 -4.57 -31.46 -15.02
C ASN C 257 -5.68 -31.98 -15.93
N ALA C 258 -5.43 -33.05 -16.69
CA ALA C 258 -6.42 -33.67 -17.55
C ALA C 258 -6.90 -35.03 -17.04
N LEU C 259 -6.05 -35.76 -16.31
CA LEU C 259 -6.49 -37.00 -15.67
C LEU C 259 -7.43 -36.74 -14.50
N ASN C 260 -7.60 -35.47 -14.11
CA ASN C 260 -8.71 -35.12 -13.22
C ASN C 260 -9.99 -34.92 -14.00
N ASP C 261 -9.88 -34.31 -15.19
CA ASP C 261 -11.04 -33.99 -16.01
C ASP C 261 -11.93 -35.19 -16.23
N LEU C 262 -11.33 -36.36 -16.41
CA LEU C 262 -12.04 -37.59 -16.73
C LEU C 262 -12.19 -38.54 -15.54
N ASN C 263 -11.33 -38.45 -14.53
CA ASN C 263 -11.51 -39.21 -13.31
C ASN C 263 -12.56 -38.60 -12.40
N ASN C 264 -13.20 -37.52 -12.84
CA ASN C 264 -14.38 -36.99 -12.21
C ASN C 264 -15.64 -37.22 -13.04
N LEU C 265 -15.49 -37.70 -14.26
CA LEU C 265 -16.63 -37.86 -15.16
C LEU C 265 -17.46 -39.07 -14.74
N VAL C 266 -18.79 -38.93 -14.81
CA VAL C 266 -19.73 -40.02 -14.60
C VAL C 266 -20.52 -40.21 -15.87
N ILE C 267 -20.62 -41.45 -16.34
CA ILE C 267 -21.26 -41.80 -17.60
C ILE C 267 -22.20 -42.98 -17.33
N THR C 268 -23.46 -42.85 -17.73
CA THR C 268 -24.44 -43.92 -17.49
C THR C 268 -24.21 -45.01 -18.53
N ARG C 269 -23.28 -45.90 -18.22
CA ARG C 269 -23.02 -47.10 -19.00
C ARG C 269 -23.29 -48.32 -18.13
N ASP C 270 -23.73 -49.41 -18.74
CA ASP C 270 -23.87 -50.65 -18.00
C ASP C 270 -22.51 -51.13 -17.50
N GLU C 271 -21.44 -50.75 -18.20
CA GLU C 271 -20.08 -50.93 -17.71
C GLU C 271 -19.70 -49.78 -16.77
N ASN C 272 -18.51 -49.87 -16.20
CA ASN C 272 -18.11 -48.96 -15.13
C ASN C 272 -18.13 -47.51 -15.61
N GLU C 273 -18.68 -46.64 -14.76
CA GLU C 273 -19.05 -45.29 -15.19
C GLU C 273 -17.83 -44.39 -15.38
N LYS C 274 -16.80 -44.56 -14.55
CA LYS C 274 -15.60 -43.73 -14.59
C LYS C 274 -14.58 -44.38 -15.52
N LEU C 275 -14.14 -43.62 -16.53
CA LEU C 275 -13.40 -44.19 -17.66
C LEU C 275 -12.17 -44.96 -17.20
N GLU C 276 -11.88 -46.05 -17.92
CA GLU C 276 -10.76 -46.93 -17.62
C GLU C 276 -9.51 -46.44 -18.34
N TYR C 277 -8.41 -47.17 -18.18
CA TYR C 277 -7.11 -46.69 -18.63
C TYR C 277 -7.05 -46.59 -20.15
N TYR C 278 -7.37 -47.69 -20.85
CA TYR C 278 -7.28 -47.68 -22.31
C TYR C 278 -8.22 -46.64 -22.91
N GLU C 279 -9.38 -46.44 -22.29
CA GLU C 279 -10.23 -45.31 -22.65
C GLU C 279 -9.44 -44.02 -22.49
N LYS C 280 -8.96 -43.77 -21.27
CA LYS C 280 -8.18 -42.58 -20.97
C LYS C 280 -6.86 -42.53 -21.71
N PHE C 281 -6.45 -43.60 -22.39
CA PHE C 281 -5.24 -43.53 -23.19
C PHE C 281 -5.53 -43.02 -24.60
N GLN C 282 -6.42 -43.71 -25.32
CA GLN C 282 -6.67 -43.35 -26.71
C GLN C 282 -7.32 -41.97 -26.83
N ILE C 283 -8.35 -41.70 -26.02
CA ILE C 283 -8.95 -40.36 -25.99
C ILE C 283 -7.87 -39.29 -25.96
N ILE C 284 -6.96 -39.34 -24.99
CA ILE C 284 -5.83 -38.42 -25.01
C ILE C 284 -5.07 -38.54 -26.33
N GLU C 285 -4.65 -39.75 -26.68
CA GLU C 285 -3.82 -39.92 -27.87
C GLU C 285 -4.59 -39.70 -29.18
N ASN C 286 -5.85 -40.16 -29.26
CA ASN C 286 -6.56 -40.07 -30.54
C ASN C 286 -7.18 -38.70 -30.77
N VAL C 287 -7.71 -38.04 -29.73
CA VAL C 287 -8.46 -36.80 -29.90
C VAL C 287 -7.87 -35.65 -29.06
N PHE C 288 -7.53 -35.92 -27.80
CA PHE C 288 -6.95 -34.86 -26.95
C PHE C 288 -5.60 -34.41 -27.49
N LYS C 289 -4.69 -35.36 -27.75
CA LYS C 289 -3.42 -35.02 -28.40
C LYS C 289 -3.66 -34.41 -29.78
N GLN C 290 -4.67 -34.92 -30.49
CA GLN C 290 -4.86 -34.49 -31.86
C GLN C 290 -5.53 -33.13 -31.96
N LYS C 291 -6.39 -32.78 -31.00
CA LYS C 291 -7.17 -31.56 -31.07
C LYS C 291 -6.83 -30.69 -29.86
N LYS C 292 -6.68 -29.38 -30.10
CA LYS C 292 -6.38 -28.47 -28.99
C LYS C 292 -7.45 -28.56 -27.91
N LYS C 293 -8.56 -27.91 -28.14
CA LYS C 293 -9.66 -27.96 -27.19
C LYS C 293 -10.62 -29.07 -27.58
N PRO C 294 -10.86 -30.03 -26.71
CA PRO C 294 -11.86 -31.05 -27.04
C PRO C 294 -13.21 -30.71 -26.43
N THR C 295 -14.19 -30.41 -27.28
CA THR C 295 -15.56 -30.34 -26.80
C THR C 295 -15.99 -31.71 -26.27
N LEU C 296 -17.08 -31.71 -25.49
CA LEU C 296 -17.57 -32.94 -24.87
C LEU C 296 -17.85 -34.01 -25.91
N LYS C 297 -18.24 -33.60 -27.12
CA LYS C 297 -18.62 -34.54 -28.16
C LYS C 297 -17.43 -35.40 -28.58
N GLN C 298 -16.26 -34.79 -28.69
CA GLN C 298 -15.09 -35.47 -29.24
C GLN C 298 -14.68 -36.66 -28.39
N ILE C 299 -14.51 -36.44 -27.08
CA ILE C 299 -14.25 -37.56 -26.17
C ILE C 299 -15.38 -38.58 -26.26
N ALA C 300 -16.62 -38.12 -26.11
CA ALA C 300 -17.79 -39.01 -26.07
C ALA C 300 -18.13 -39.62 -27.42
N LYS C 301 -17.44 -39.24 -28.48
CA LYS C 301 -17.60 -39.92 -29.77
C LYS C 301 -16.52 -40.99 -29.94
N GLU C 302 -15.26 -40.62 -29.69
CA GLU C 302 -14.19 -41.61 -29.69
C GLU C 302 -14.42 -42.68 -28.62
N ILE C 303 -15.01 -42.31 -27.48
CA ILE C 303 -15.47 -43.27 -26.49
C ILE C 303 -16.99 -43.41 -26.68
N LEU C 304 -17.40 -44.53 -27.27
CA LEU C 304 -18.71 -44.61 -27.92
C LEU C 304 -19.83 -44.59 -26.88
N VAL C 305 -20.19 -43.38 -26.46
CA VAL C 305 -21.38 -43.14 -25.65
C VAL C 305 -22.12 -41.96 -26.29
N ASN C 306 -23.38 -41.78 -25.90
CA ASN C 306 -24.16 -40.66 -26.41
C ASN C 306 -23.59 -39.34 -25.89
N GLU C 307 -23.88 -38.25 -26.60
CA GLU C 307 -23.36 -36.95 -26.21
C GLU C 307 -23.95 -36.49 -24.88
N GLU C 308 -25.25 -36.74 -24.67
CA GLU C 308 -25.93 -36.24 -23.48
C GLU C 308 -25.44 -36.91 -22.21
N ASP C 309 -24.74 -38.04 -22.33
CA ASP C 309 -24.64 -38.95 -21.19
C ASP C 309 -23.64 -38.43 -20.17
N ILE C 310 -22.46 -38.01 -20.63
CA ILE C 310 -21.33 -37.81 -19.74
C ILE C 310 -21.58 -36.63 -18.81
N LYS C 311 -21.39 -36.86 -17.51
CA LYS C 311 -21.47 -35.81 -16.50
C LYS C 311 -20.27 -35.91 -15.57
N GLY C 312 -20.08 -34.86 -14.77
CA GLY C 312 -18.95 -34.76 -13.88
C GLY C 312 -17.81 -33.93 -14.42
N TYR C 313 -18.10 -32.93 -15.25
CA TYR C 313 -17.11 -32.15 -15.97
C TYR C 313 -17.18 -30.68 -15.59
N ARG C 314 -16.03 -30.03 -15.61
CA ARG C 314 -15.99 -28.59 -15.39
C ARG C 314 -16.60 -27.85 -16.58
N VAL C 315 -17.34 -26.79 -16.26
CA VAL C 315 -18.14 -26.07 -17.23
C VAL C 315 -17.96 -24.57 -16.96
N THR C 316 -17.70 -23.80 -18.02
CA THR C 316 -17.60 -22.36 -17.88
C THR C 316 -19.02 -21.78 -17.77
N SER C 317 -19.10 -20.48 -17.51
CA SER C 317 -20.40 -19.87 -17.29
C SER C 317 -21.29 -19.96 -18.52
N THR C 318 -20.71 -19.84 -19.72
CA THR C 318 -21.50 -19.91 -20.94
C THR C 318 -22.17 -21.27 -21.10
N GLY C 319 -21.52 -22.34 -20.63
CA GLY C 319 -22.09 -23.67 -20.64
C GLY C 319 -21.22 -24.71 -21.30
N LYS C 320 -20.31 -24.30 -22.17
CA LYS C 320 -19.42 -25.24 -22.83
C LYS C 320 -18.53 -25.93 -21.78
N PRO C 321 -18.36 -27.23 -21.85
CA PRO C 321 -17.44 -27.88 -20.91
C PRO C 321 -16.01 -27.54 -21.26
N GLU C 322 -15.20 -27.29 -20.24
CA GLU C 322 -13.79 -26.98 -20.42
C GLU C 322 -12.96 -28.14 -19.89
N PHE C 323 -12.09 -28.67 -20.74
CA PHE C 323 -11.14 -29.71 -20.36
C PHE C 323 -9.74 -29.22 -20.66
N THR C 324 -8.77 -29.75 -19.92
CA THR C 324 -7.41 -29.21 -19.94
C THR C 324 -6.84 -29.14 -21.35
N ASN C 325 -6.26 -28.00 -21.68
CA ASN C 325 -5.60 -27.76 -22.95
C ASN C 325 -4.12 -28.09 -22.84
N LEU C 326 -3.65 -28.99 -23.70
CA LEU C 326 -2.22 -29.34 -23.74
C LEU C 326 -1.47 -28.22 -24.46
N LYS C 327 -0.75 -27.40 -23.69
CA LYS C 327 -0.08 -26.25 -24.30
C LYS C 327 1.24 -26.65 -24.95
N VAL C 328 1.87 -27.72 -24.47
CA VAL C 328 3.17 -28.07 -25.02
C VAL C 328 3.00 -28.75 -26.37
N TYR C 329 2.09 -29.72 -26.45
CA TYR C 329 1.96 -30.51 -27.68
C TYR C 329 1.72 -29.58 -28.87
N HIS C 330 0.66 -28.79 -28.81
CA HIS C 330 0.18 -28.04 -29.98
C HIS C 330 1.08 -26.87 -30.37
N ASP C 331 1.80 -26.27 -29.42
CA ASP C 331 2.79 -25.28 -29.82
C ASP C 331 4.01 -25.94 -30.45
N ILE C 332 4.38 -27.12 -29.97
CA ILE C 332 5.50 -27.85 -30.56
C ILE C 332 5.06 -28.62 -31.80
N LYS C 333 3.89 -29.26 -31.75
CA LYS C 333 3.44 -30.09 -32.87
C LYS C 333 3.00 -29.25 -34.07
N ASP C 334 2.66 -27.98 -33.85
CA ASP C 334 2.34 -27.10 -34.97
C ASP C 334 3.56 -26.78 -35.83
N ILE C 335 4.77 -27.08 -35.35
CA ILE C 335 5.99 -26.90 -36.13
C ILE C 335 6.84 -28.15 -36.21
N THR C 336 6.62 -29.15 -35.36
CA THR C 336 7.45 -30.36 -35.30
C THR C 336 6.59 -31.53 -34.84
N ALA C 337 6.62 -32.62 -35.62
CA ALA C 337 5.90 -33.84 -35.28
C ALA C 337 6.86 -35.02 -35.08
N ARG C 338 8.14 -34.75 -34.89
CA ARG C 338 9.15 -35.79 -34.93
C ARG C 338 9.04 -36.68 -33.71
N LYS C 339 9.22 -37.98 -33.93
CA LYS C 339 9.01 -39.01 -32.92
C LYS C 339 9.86 -38.81 -31.67
N GLU C 340 10.94 -38.04 -31.78
CA GLU C 340 12.02 -38.11 -30.80
C GLU C 340 11.82 -37.19 -29.60
N ILE C 341 11.22 -36.02 -29.79
CA ILE C 341 10.95 -35.15 -28.65
C ILE C 341 9.54 -35.37 -28.11
N ILE C 342 8.60 -35.60 -29.04
CA ILE C 342 7.18 -35.44 -28.75
C ILE C 342 6.66 -36.59 -27.90
N GLU C 343 7.10 -37.82 -28.17
CA GLU C 343 6.72 -38.92 -27.30
C GLU C 343 7.20 -38.70 -25.88
N ASN C 344 8.48 -38.34 -25.73
CA ASN C 344 9.10 -38.25 -24.42
C ASN C 344 8.57 -37.05 -23.67
N ALA C 345 8.00 -37.29 -22.49
CA ALA C 345 7.52 -36.20 -21.66
C ALA C 345 8.67 -35.40 -21.07
N GLU C 346 9.76 -36.07 -20.69
CA GLU C 346 10.86 -35.38 -20.03
C GLU C 346 11.49 -34.34 -20.93
N LEU C 347 11.67 -34.66 -22.22
CA LEU C 347 12.00 -33.62 -23.19
C LEU C 347 11.01 -32.46 -23.11
N LEU C 348 9.72 -32.77 -23.26
CA LEU C 348 8.71 -31.73 -23.20
C LEU C 348 8.70 -31.04 -21.83
N ASP C 349 9.01 -31.80 -20.77
CA ASP C 349 9.00 -31.25 -19.41
C ASP C 349 10.02 -30.13 -19.26
N GLN C 350 11.25 -30.35 -19.73
CA GLN C 350 12.28 -29.32 -19.62
C GLN C 350 11.97 -28.12 -20.50
N ILE C 351 11.46 -28.36 -21.71
CA ILE C 351 11.25 -27.28 -22.67
C ILE C 351 10.37 -26.19 -22.10
N ALA C 352 9.23 -26.58 -21.50
CA ALA C 352 8.32 -25.58 -20.94
C ALA C 352 8.96 -24.81 -19.80
N LYS C 353 9.78 -25.49 -19.00
CA LYS C 353 10.46 -24.83 -17.89
C LYS C 353 11.35 -23.70 -18.39
N ILE C 354 12.17 -23.98 -19.40
CA ILE C 354 13.03 -22.94 -19.94
C ILE C 354 12.19 -21.79 -20.50
N LEU C 355 11.06 -22.11 -21.14
CA LEU C 355 10.30 -21.07 -21.79
C LEU C 355 9.72 -20.08 -20.78
N THR C 356 9.19 -20.59 -19.68
CA THR C 356 8.56 -19.70 -18.70
C THR C 356 9.62 -18.97 -17.88
N ILE C 357 10.73 -19.62 -17.53
CA ILE C 357 11.76 -19.02 -16.69
C ILE C 357 12.39 -17.85 -17.41
N TYR C 358 13.20 -18.12 -18.43
CA TYR C 358 13.82 -17.07 -19.20
C TYR C 358 12.80 -16.44 -20.15
N GLN C 359 13.00 -15.16 -20.49
CA GLN C 359 11.92 -14.33 -21.00
C GLN C 359 12.15 -13.71 -22.37
N SER C 360 13.26 -13.99 -23.04
CA SER C 360 13.53 -13.38 -24.33
C SER C 360 13.87 -14.46 -25.36
N SER C 361 13.37 -14.26 -26.59
CA SER C 361 13.56 -15.26 -27.64
C SER C 361 15.03 -15.54 -27.90
N GLU C 362 15.88 -14.52 -27.80
CA GLU C 362 17.31 -14.72 -28.00
C GLU C 362 17.93 -15.51 -26.85
N ASP C 363 17.56 -15.18 -25.61
CA ASP C 363 18.07 -15.88 -24.43
C ASP C 363 17.54 -17.31 -24.33
N ILE C 364 16.43 -17.62 -24.99
CA ILE C 364 15.89 -18.97 -24.95
C ILE C 364 16.75 -19.92 -25.77
N GLN C 365 17.11 -19.50 -26.99
CA GLN C 365 17.87 -20.38 -27.88
C GLN C 365 19.20 -20.78 -27.28
N GLU C 366 19.83 -19.91 -26.48
CA GLU C 366 21.06 -20.31 -25.80
C GLU C 366 20.79 -21.48 -24.87
N GLU C 367 19.72 -21.39 -24.07
CA GLU C 367 19.44 -22.44 -23.09
C GLU C 367 18.67 -23.61 -23.67
N LEU C 368 17.86 -23.38 -24.72
CA LEU C 368 17.31 -24.49 -25.48
C LEU C 368 18.42 -25.33 -26.11
N THR C 369 19.59 -24.74 -26.34
CA THR C 369 20.70 -25.44 -26.94
C THR C 369 21.47 -26.29 -25.92
N ASN C 370 21.70 -25.76 -24.70
CA ASN C 370 22.51 -26.48 -23.72
C ASN C 370 21.85 -27.74 -23.18
N LEU C 371 20.58 -27.99 -23.53
CA LEU C 371 19.95 -29.27 -23.24
C LEU C 371 20.60 -30.43 -23.98
N ASN C 372 21.41 -30.16 -25.01
CA ASN C 372 21.99 -31.18 -25.89
C ASN C 372 20.94 -32.12 -26.45
N SER C 373 19.67 -31.82 -26.21
CA SER C 373 18.63 -32.57 -26.89
C SER C 373 18.68 -32.29 -28.39
N GLU C 374 17.94 -33.12 -29.12
CA GLU C 374 18.13 -33.26 -30.56
C GLU C 374 16.93 -32.66 -31.29
N LEU C 375 16.90 -31.34 -31.32
CA LEU C 375 15.94 -30.58 -32.09
C LEU C 375 16.70 -29.81 -33.16
N THR C 376 16.20 -29.83 -34.39
CA THR C 376 16.80 -29.03 -35.45
C THR C 376 16.84 -27.57 -35.01
N GLN C 377 17.98 -26.92 -35.22
CA GLN C 377 18.16 -25.54 -34.78
C GLN C 377 17.19 -24.57 -35.47
N GLU C 378 16.52 -24.99 -36.55
CA GLU C 378 15.46 -24.16 -37.11
C GLU C 378 14.24 -24.11 -36.19
N GLU C 379 14.05 -25.16 -35.39
CA GLU C 379 12.91 -25.20 -34.47
C GLU C 379 13.15 -24.32 -33.26
N ILE C 380 14.33 -24.44 -32.64
CA ILE C 380 14.64 -23.69 -31.42
C ILE C 380 14.48 -22.19 -31.65
N GLU C 381 14.95 -21.70 -32.80
CA GLU C 381 14.84 -20.29 -33.11
C GLU C 381 13.41 -19.84 -33.41
N GLN C 382 12.49 -20.79 -33.65
CA GLN C 382 11.07 -20.48 -33.79
C GLN C 382 10.24 -21.06 -32.67
N ILE C 383 10.83 -21.92 -31.84
CA ILE C 383 10.22 -22.31 -30.57
C ILE C 383 10.34 -21.16 -29.58
N SER C 384 11.30 -20.27 -29.77
CA SER C 384 11.33 -19.10 -28.90
C SER C 384 10.34 -18.03 -29.34
N ASN C 385 9.74 -18.16 -30.52
CA ASN C 385 8.69 -17.24 -30.98
C ASN C 385 7.28 -17.69 -30.59
N LEU C 386 7.09 -18.29 -29.42
CA LEU C 386 5.73 -18.57 -28.97
C LEU C 386 5.47 -17.81 -27.68
N LYS C 387 4.19 -17.58 -27.42
CA LYS C 387 3.75 -16.84 -26.25
C LYS C 387 2.90 -17.74 -25.37
N GLY C 388 2.47 -17.16 -24.25
CA GLY C 388 1.57 -17.82 -23.32
C GLY C 388 2.23 -18.81 -22.38
N TYR C 389 3.55 -18.99 -22.45
CA TYR C 389 4.23 -19.94 -21.57
C TYR C 389 4.57 -19.22 -20.28
N THR C 390 3.55 -19.01 -19.46
CA THR C 390 3.61 -18.12 -18.31
C THR C 390 2.86 -18.77 -17.16
N GLY C 391 3.23 -18.41 -15.94
CA GLY C 391 2.52 -18.89 -14.77
C GLY C 391 3.12 -20.16 -14.21
N THR C 392 2.64 -20.53 -13.03
CA THR C 392 3.18 -21.67 -12.30
C THR C 392 2.04 -22.51 -11.73
N HIS C 393 2.22 -23.82 -11.79
CA HIS C 393 1.32 -24.74 -11.11
C HIS C 393 1.39 -24.47 -9.61
N ASN C 394 0.38 -24.96 -8.89
CA ASN C 394 0.44 -24.92 -7.43
C ASN C 394 1.00 -26.22 -6.87
N LEU C 395 1.77 -26.97 -7.68
CA LEU C 395 2.30 -28.26 -7.29
C LEU C 395 3.65 -28.46 -7.95
N SER C 396 4.66 -28.83 -7.16
CA SER C 396 6.01 -29.05 -7.67
C SER C 396 6.06 -30.28 -8.57
N LEU C 397 7.21 -30.47 -9.21
CA LEU C 397 7.39 -31.61 -10.11
C LEU C 397 7.57 -32.92 -9.35
N LYS C 398 8.12 -32.87 -8.13
CA LYS C 398 8.22 -34.06 -7.30
C LYS C 398 6.85 -34.57 -6.86
N ALA C 399 5.79 -33.78 -7.04
CA ALA C 399 4.45 -34.17 -6.66
C ALA C 399 3.55 -34.43 -7.86
N ILE C 400 4.06 -34.30 -9.08
CA ILE C 400 3.34 -34.72 -10.29
C ILE C 400 3.78 -36.10 -10.75
N ASN C 401 5.10 -36.32 -10.82
CA ASN C 401 5.61 -37.60 -11.30
C ASN C 401 5.34 -38.72 -10.31
N LEU C 402 5.22 -38.41 -9.02
CA LEU C 402 5.04 -39.45 -8.01
C LEU C 402 3.65 -40.09 -8.12
N ILE C 403 2.62 -39.31 -8.43
CA ILE C 403 1.24 -39.78 -8.40
C ILE C 403 0.56 -39.67 -9.76
N LEU C 404 1.31 -39.44 -10.84
CA LEU C 404 0.68 -39.37 -12.15
C LEU C 404 0.28 -40.74 -12.67
N ASP C 405 1.02 -41.79 -12.29
CA ASP C 405 0.67 -43.13 -12.71
C ASP C 405 -0.64 -43.59 -12.07
N GLU C 406 -0.84 -43.29 -10.78
CA GLU C 406 -2.04 -43.71 -10.09
C GLU C 406 -3.29 -42.97 -10.54
N LEU C 407 -3.12 -41.93 -11.37
CA LEU C 407 -4.27 -41.32 -12.05
C LEU C 407 -4.67 -42.14 -13.27
N TRP C 408 -3.67 -42.69 -13.97
CA TRP C 408 -3.89 -43.48 -15.18
C TRP C 408 -4.72 -44.73 -14.90
N HIS C 409 -4.14 -45.68 -14.16
CA HIS C 409 -4.71 -47.01 -14.05
C HIS C 409 -6.05 -46.96 -13.31
N THR C 410 -6.04 -46.43 -12.10
CA THR C 410 -7.24 -46.37 -11.27
C THR C 410 -8.18 -45.28 -11.80
N ASN C 411 -9.20 -44.96 -11.00
CA ASN C 411 -10.15 -43.90 -11.32
C ASN C 411 -10.15 -42.80 -10.27
N ASP C 412 -9.07 -42.71 -9.49
CA ASP C 412 -8.98 -41.76 -8.38
C ASP C 412 -8.69 -40.35 -8.91
N ASN C 413 -8.82 -39.36 -8.02
CA ASN C 413 -8.44 -37.99 -8.32
C ASN C 413 -7.47 -37.50 -7.25
N GLN C 414 -6.95 -36.28 -7.47
CA GLN C 414 -5.72 -35.86 -6.79
C GLN C 414 -5.91 -35.81 -5.27
N ILE C 415 -7.06 -35.34 -4.80
CA ILE C 415 -7.24 -35.15 -3.37
C ILE C 415 -7.21 -36.48 -2.63
N ALA C 416 -7.91 -37.49 -3.16
CA ALA C 416 -7.98 -38.78 -2.51
C ALA C 416 -6.66 -39.54 -2.59
N ILE C 417 -5.84 -39.28 -3.61
CA ILE C 417 -4.53 -39.93 -3.69
C ILE C 417 -3.62 -39.45 -2.59
N PHE C 418 -3.56 -38.12 -2.38
CA PHE C 418 -2.72 -37.57 -1.33
C PHE C 418 -3.20 -38.01 0.05
N ASN C 419 -4.52 -38.14 0.21
CA ASN C 419 -5.06 -38.76 1.42
C ASN C 419 -4.61 -40.21 1.52
N ARG C 420 -4.71 -40.96 0.41
CA ARG C 420 -4.32 -42.36 0.38
C ARG C 420 -2.80 -42.55 0.34
N LEU C 421 -2.03 -41.49 0.09
CA LEU C 421 -0.58 -41.58 0.10
C LEU C 421 0.04 -41.00 1.36
N LYS C 422 -0.79 -40.64 2.35
CA LYS C 422 -0.32 -40.10 3.63
C LYS C 422 0.61 -38.90 3.42
N LEU C 423 0.18 -38.01 2.53
CA LEU C 423 0.86 -36.74 2.28
C LEU C 423 -0.09 -35.60 2.63
N VAL C 424 0.46 -34.55 3.24
CA VAL C 424 -0.37 -33.52 3.87
C VAL C 424 0.21 -32.14 3.56
N PRO C 425 -0.69 -31.13 3.42
CA PRO C 425 -0.20 -29.74 3.28
C PRO C 425 0.74 -29.27 4.38
N LYS C 426 1.31 -28.07 4.22
CA LYS C 426 2.24 -27.48 5.20
C LYS C 426 1.61 -27.32 6.58
N THR C 438 7.62 -15.30 15.40
CA THR C 438 6.95 -14.10 14.93
C THR C 438 7.20 -13.87 13.45
N THR C 439 8.43 -14.18 13.01
CA THR C 439 8.83 -14.03 11.61
C THR C 439 7.80 -14.61 10.66
N LEU C 440 7.07 -15.64 11.11
CA LEU C 440 6.14 -16.35 10.24
C LEU C 440 4.98 -15.47 9.76
N VAL C 441 4.74 -14.33 10.40
CA VAL C 441 3.61 -13.51 10.02
C VAL C 441 3.79 -12.91 8.62
N ASP C 442 5.03 -12.67 8.21
CA ASP C 442 5.29 -11.79 7.06
C ASP C 442 4.73 -12.38 5.76
N ASP C 443 5.00 -13.67 5.48
CA ASP C 443 4.88 -14.18 4.13
C ASP C 443 3.46 -14.06 3.57
N PHE C 444 2.45 -14.41 4.37
CA PHE C 444 1.08 -14.40 3.86
C PHE C 444 0.31 -13.12 4.20
N ILE C 445 0.71 -12.42 5.27
CA ILE C 445 -0.12 -11.34 5.78
C ILE C 445 -0.26 -10.25 4.72
N LEU C 446 -1.34 -9.49 4.82
CA LEU C 446 -1.77 -8.64 3.72
C LEU C 446 -1.10 -7.26 3.76
N SER C 447 -1.07 -6.64 4.94
CA SER C 447 -0.87 -5.21 5.05
C SER C 447 0.17 -4.88 6.12
N PRO C 448 0.85 -3.74 6.01
CA PRO C 448 1.76 -3.32 7.08
C PRO C 448 1.04 -2.94 8.36
N VAL C 449 -0.20 -2.46 8.27
CA VAL C 449 -0.96 -2.10 9.46
C VAL C 449 -1.18 -3.34 10.32
N VAL C 450 -1.67 -4.42 9.71
CA VAL C 450 -1.95 -5.64 10.46
C VAL C 450 -0.65 -6.29 10.94
N LYS C 451 0.36 -6.34 10.05
CA LYS C 451 1.63 -6.98 10.37
C LYS C 451 2.22 -6.44 11.68
N ARG C 452 2.01 -5.15 11.94
CA ARG C 452 2.51 -4.57 13.18
C ARG C 452 1.69 -5.03 14.38
N SER C 453 0.36 -5.01 14.27
CA SER C 453 -0.48 -5.38 15.39
C SER C 453 -0.28 -6.83 15.80
N PHE C 454 -0.34 -7.75 14.83
CA PHE C 454 -0.12 -9.17 15.14
C PHE C 454 1.23 -9.40 15.82
N ILE C 455 2.29 -8.85 15.23
CA ILE C 455 3.65 -9.14 15.72
C ILE C 455 3.79 -8.77 17.19
N GLN C 456 3.32 -7.58 17.56
CA GLN C 456 3.38 -7.17 18.96
C GLN C 456 2.36 -7.92 19.81
N SER C 457 1.27 -8.40 19.20
CA SER C 457 0.29 -9.18 19.95
C SER C 457 0.84 -10.55 20.29
N ILE C 458 1.61 -11.15 19.37
CA ILE C 458 2.26 -12.42 19.67
C ILE C 458 3.23 -12.25 20.83
N LYS C 459 4.07 -11.22 20.75
CA LYS C 459 5.03 -10.94 21.82
C LYS C 459 4.32 -10.80 23.16
N VAL C 460 3.11 -10.24 23.15
CA VAL C 460 2.34 -10.12 24.39
C VAL C 460 2.06 -11.51 24.96
N ILE C 461 1.51 -12.40 24.13
CA ILE C 461 1.20 -13.74 24.59
C ILE C 461 2.47 -14.45 25.03
N ASN C 462 3.50 -14.43 24.18
CA ASN C 462 4.75 -15.12 24.48
C ASN C 462 5.37 -14.63 25.78
N ALA C 463 5.03 -13.42 26.23
CA ALA C 463 5.54 -12.89 27.49
C ALA C 463 4.57 -13.06 28.65
N ILE C 464 3.26 -13.09 28.37
CA ILE C 464 2.29 -13.29 29.45
C ILE C 464 2.45 -14.68 30.06
N ILE C 465 2.53 -15.71 29.21
CA ILE C 465 2.61 -17.08 29.71
C ILE C 465 3.89 -17.27 30.53
N LYS C 466 4.96 -16.56 30.18
CA LYS C 466 6.21 -16.73 30.90
C LYS C 466 6.09 -16.27 32.34
N LYS C 467 5.36 -15.18 32.56
CA LYS C 467 5.14 -14.69 33.92
C LYS C 467 3.89 -15.26 34.56
N TYR C 468 3.01 -15.89 33.78
CA TYR C 468 1.72 -16.27 34.34
C TYR C 468 1.42 -17.76 34.14
N GLY C 469 1.97 -18.35 33.09
CA GLY C 469 1.78 -19.75 32.79
C GLY C 469 0.87 -19.96 31.59
N LEU C 470 0.69 -21.23 31.25
CA LEU C 470 -0.16 -21.56 30.11
C LEU C 470 -1.62 -21.26 30.45
N PRO C 471 -2.24 -20.33 29.74
CA PRO C 471 -3.68 -20.12 29.94
C PRO C 471 -4.47 -21.30 29.41
N ASN C 472 -5.79 -21.28 29.57
CA ASN C 472 -6.62 -22.29 28.94
C ASN C 472 -7.45 -21.75 27.79
N ASP C 473 -7.88 -20.50 27.84
CA ASP C 473 -8.70 -19.89 26.80
C ASP C 473 -8.08 -18.56 26.41
N ILE C 474 -7.63 -18.45 25.17
CA ILE C 474 -7.09 -17.23 24.60
C ILE C 474 -8.11 -16.75 23.56
N ILE C 475 -8.97 -15.81 23.95
CA ILE C 475 -10.03 -15.31 23.07
C ILE C 475 -9.60 -13.96 22.51
N ILE C 476 -9.80 -13.77 21.20
CA ILE C 476 -9.20 -12.67 20.47
C ILE C 476 -10.25 -12.01 19.58
N GLU C 477 -10.32 -10.68 19.62
CA GLU C 477 -11.13 -9.88 18.71
C GLU C 477 -10.21 -8.98 17.91
N LEU C 478 -10.59 -8.69 16.66
CA LEU C 478 -9.87 -7.75 15.82
C LEU C 478 -10.65 -6.44 15.67
N ALA C 479 -10.00 -5.44 15.08
CA ALA C 479 -10.64 -4.16 14.84
C ALA C 479 -11.52 -4.23 13.59
N ARG C 480 -12.16 -3.12 13.25
CA ARG C 480 -13.06 -3.07 12.11
C ARG C 480 -12.53 -2.15 11.01
N THR C 501 -11.52 5.70 -2.42
CA THR C 501 -12.63 6.64 -2.29
C THR C 501 -12.10 8.03 -1.98
N ASN C 502 -10.80 8.13 -1.72
CA ASN C 502 -10.19 9.45 -1.62
C ASN C 502 -9.97 10.10 -2.97
N GLU C 503 -10.35 9.44 -4.06
CA GLU C 503 -10.49 10.06 -5.36
C GLU C 503 -11.89 10.59 -5.61
N ARG C 504 -12.86 10.22 -4.74
CA ARG C 504 -14.17 10.85 -4.75
C ARG C 504 -14.12 12.20 -4.05
N ILE C 505 -13.28 12.32 -3.01
CA ILE C 505 -13.16 13.58 -2.28
C ILE C 505 -12.61 14.67 -3.19
N GLU C 506 -11.59 14.34 -3.98
CA GLU C 506 -10.92 15.31 -4.83
C GLU C 506 -11.86 15.88 -5.88
N GLU C 507 -12.98 15.21 -6.15
CA GLU C 507 -13.89 15.63 -7.19
C GLU C 507 -14.83 16.74 -6.73
N ILE C 508 -15.22 16.73 -5.45
CA ILE C 508 -16.24 17.67 -4.98
C ILE C 508 -15.66 18.87 -4.25
N ILE C 509 -14.49 18.73 -3.62
CA ILE C 509 -13.72 19.92 -3.24
C ILE C 509 -13.16 20.66 -4.45
N ARG C 510 -13.39 20.15 -5.67
CA ARG C 510 -13.02 20.82 -6.91
C ARG C 510 -14.21 21.14 -7.81
N THR C 511 -15.27 20.33 -7.77
CA THR C 511 -16.51 20.69 -8.49
C THR C 511 -17.19 21.88 -7.83
N THR C 512 -17.49 21.77 -6.54
CA THR C 512 -18.28 22.77 -5.84
C THR C 512 -17.43 23.87 -5.21
N GLY C 513 -16.31 23.50 -4.62
CA GLY C 513 -15.48 24.45 -3.89
C GLY C 513 -15.65 24.41 -2.40
N LYS C 514 -16.36 23.43 -1.86
CA LYS C 514 -16.55 23.25 -0.42
C LYS C 514 -15.41 22.38 0.12
N GLU C 515 -14.48 23.01 0.83
CA GLU C 515 -13.32 22.28 1.34
C GLU C 515 -13.73 21.12 2.23
N ASN C 516 -14.69 21.36 3.12
CA ASN C 516 -15.14 20.35 4.07
C ASN C 516 -15.87 19.18 3.40
N ALA C 517 -15.12 18.39 2.62
CA ALA C 517 -15.58 17.09 2.15
C ALA C 517 -14.86 15.95 2.84
N LYS C 518 -14.08 16.26 3.88
CA LYS C 518 -13.23 15.26 4.51
C LYS C 518 -13.95 14.50 5.63
N TYR C 519 -14.86 15.16 6.34
CA TYR C 519 -15.50 14.54 7.49
C TYR C 519 -16.60 13.55 7.09
N LEU C 520 -17.39 13.88 6.07
CA LEU C 520 -18.60 13.13 5.74
C LEU C 520 -18.34 12.16 4.59
N ILE C 521 -17.38 11.25 4.81
CA ILE C 521 -17.12 10.23 3.80
C ILE C 521 -18.18 9.15 3.85
N GLU C 522 -18.46 8.62 5.04
CA GLU C 522 -19.41 7.52 5.17
C GLU C 522 -20.82 7.92 4.77
N LYS C 523 -21.15 9.21 4.79
CA LYS C 523 -22.42 9.69 4.28
C LYS C 523 -22.43 9.74 2.75
N ILE C 524 -21.29 10.06 2.14
CA ILE C 524 -21.20 10.33 0.70
C ILE C 524 -21.01 9.05 -0.11
N LYS C 525 -20.13 8.14 0.34
CA LYS C 525 -20.07 6.80 -0.27
C LYS C 525 -21.44 6.18 -0.39
N LEU C 526 -22.35 6.50 0.54
CA LEU C 526 -23.73 6.05 0.44
C LEU C 526 -24.50 6.80 -0.65
N HIS C 527 -24.09 8.05 -0.93
CA HIS C 527 -24.87 8.85 -1.84
C HIS C 527 -24.69 8.40 -3.29
N ASP C 528 -23.47 8.00 -3.66
CA ASP C 528 -23.27 7.44 -5.00
C ASP C 528 -23.97 6.09 -5.13
N MET C 529 -23.87 5.26 -4.10
CA MET C 529 -24.40 3.90 -4.17
C MET C 529 -25.92 3.85 -4.13
N GLN C 530 -26.59 4.98 -3.92
CA GLN C 530 -28.05 5.03 -3.88
C GLN C 530 -28.64 6.00 -4.89
N GLU C 531 -27.80 6.69 -5.67
CA GLU C 531 -28.22 7.53 -6.80
C GLU C 531 -29.04 8.73 -6.34
N GLY C 532 -28.59 9.40 -5.29
CA GLY C 532 -29.19 10.63 -4.82
C GLY C 532 -30.65 10.55 -4.40
N LYS C 533 -31.03 9.48 -3.71
CA LYS C 533 -32.40 9.32 -3.21
C LYS C 533 -32.35 8.97 -1.73
N CYS C 534 -33.54 8.94 -1.12
CA CYS C 534 -33.73 8.52 0.27
C CYS C 534 -34.54 7.23 0.23
N LEU C 535 -33.87 6.09 0.42
CA LEU C 535 -34.52 4.81 0.19
C LEU C 535 -35.79 4.65 1.04
N TYR C 536 -35.84 5.29 2.21
CA TYR C 536 -37.04 5.27 3.04
C TYR C 536 -37.97 6.43 2.74
N SER C 537 -37.80 7.12 1.61
CA SER C 537 -38.69 8.20 1.20
C SER C 537 -38.81 8.30 -0.32
N LEU C 538 -37.81 7.82 -1.05
CA LEU C 538 -37.76 7.84 -2.52
C LEU C 538 -37.74 9.27 -3.08
N GLU C 539 -37.41 10.27 -2.28
CA GLU C 539 -37.24 11.63 -2.77
C GLU C 539 -35.76 11.95 -2.96
N ALA C 540 -35.49 12.87 -3.88
CA ALA C 540 -34.11 13.13 -4.27
C ALA C 540 -33.33 13.83 -3.17
N ILE C 541 -32.06 13.46 -3.05
CA ILE C 541 -31.17 14.03 -2.04
C ILE C 541 -30.04 14.79 -2.74
N PRO C 542 -30.19 16.09 -2.95
CA PRO C 542 -29.13 16.84 -3.65
C PRO C 542 -27.87 16.91 -2.81
N LEU C 543 -26.73 16.65 -3.47
CA LEU C 543 -25.43 16.67 -2.78
C LEU C 543 -25.16 18.05 -2.17
N GLU C 544 -25.36 19.11 -2.96
CA GLU C 544 -25.12 20.46 -2.46
C GLU C 544 -25.98 20.75 -1.24
N ASP C 545 -27.21 20.21 -1.20
CA ASP C 545 -28.08 20.42 -0.06
C ASP C 545 -27.60 19.61 1.15
N LEU C 546 -27.07 18.40 0.90
CA LEU C 546 -26.63 17.56 2.01
C LEU C 546 -25.37 18.13 2.67
N LEU C 547 -24.42 18.63 1.86
CA LEU C 547 -23.21 19.21 2.43
C LEU C 547 -23.53 20.46 3.24
N ASN C 548 -24.48 21.28 2.76
CA ASN C 548 -24.90 22.45 3.52
C ASN C 548 -25.61 22.05 4.80
N ASN C 549 -26.50 21.06 4.72
CA ASN C 549 -27.29 20.61 5.86
C ASN C 549 -27.06 19.12 6.09
N PRO C 550 -25.91 18.75 6.65
CA PRO C 550 -25.73 17.33 7.05
C PRO C 550 -26.65 16.93 8.17
N PHE C 551 -26.92 17.83 9.12
CA PHE C 551 -27.83 17.51 10.20
C PHE C 551 -29.23 17.16 9.69
N ASN C 552 -29.59 17.64 8.49
CA ASN C 552 -30.87 17.29 7.90
C ASN C 552 -30.98 15.80 7.63
N TYR C 553 -29.87 15.15 7.28
CA TYR C 553 -29.85 13.78 6.79
C TYR C 553 -28.94 12.92 7.66
N GLU C 554 -29.48 11.83 8.17
CA GLU C 554 -28.73 10.97 9.07
C GLU C 554 -28.36 9.66 8.39
N VAL C 555 -27.55 8.86 9.10
CA VAL C 555 -27.17 7.53 8.67
C VAL C 555 -27.86 6.51 9.55
N ASP C 556 -29.04 6.06 9.14
CA ASP C 556 -29.79 5.09 9.91
C ASP C 556 -29.22 3.69 9.75
N HIS C 557 -29.20 2.94 10.84
CA HIS C 557 -28.82 1.54 10.80
C HIS C 557 -30.02 0.71 10.35
N ILE C 558 -29.85 -0.04 9.25
CA ILE C 558 -30.95 -0.76 8.63
C ILE C 558 -31.63 -1.64 9.67
N ILE C 559 -30.93 -2.67 10.11
CA ILE C 559 -31.39 -3.55 11.18
C ILE C 559 -30.80 -2.97 12.46
N PRO C 560 -31.58 -2.80 13.52
CA PRO C 560 -31.10 -2.06 14.69
C PRO C 560 -29.82 -2.64 15.28
N ARG C 561 -28.88 -1.74 15.63
CA ARG C 561 -27.62 -2.08 16.28
C ARG C 561 -27.78 -3.06 17.43
N SER C 562 -28.94 -3.06 18.08
CA SER C 562 -29.13 -3.89 19.27
C SER C 562 -29.50 -5.32 18.92
N VAL C 563 -29.86 -5.61 17.68
CA VAL C 563 -30.27 -6.97 17.35
C VAL C 563 -29.43 -7.49 16.20
N SER C 564 -28.95 -6.59 15.34
CA SER C 564 -28.15 -7.00 14.19
C SER C 564 -26.68 -7.07 14.53
N PHE C 565 -26.18 -6.01 15.17
CA PHE C 565 -24.79 -5.92 15.62
C PHE C 565 -23.87 -5.78 14.43
N ASP C 566 -24.38 -5.16 13.37
CA ASP C 566 -23.65 -4.96 12.13
C ASP C 566 -23.30 -3.49 12.02
N ASN C 567 -22.07 -3.15 12.41
CA ASN C 567 -21.57 -1.81 12.24
C ASN C 567 -20.87 -1.60 10.90
N SER C 568 -20.96 -2.59 10.01
CA SER C 568 -20.29 -2.46 8.73
C SER C 568 -21.02 -1.45 7.83
N PHE C 569 -20.40 -1.16 6.69
CA PHE C 569 -21.02 -0.31 5.68
C PHE C 569 -22.43 -0.80 5.35
N ASN C 570 -22.56 -2.11 5.12
CA ASN C 570 -23.81 -2.64 4.58
C ASN C 570 -25.01 -2.24 5.42
N ASN C 571 -24.86 -2.16 6.73
CA ASN C 571 -26.03 -1.88 7.55
C ASN C 571 -26.46 -0.41 7.48
N LYS C 572 -25.67 0.46 6.86
CA LYS C 572 -25.94 1.90 6.88
C LYS C 572 -26.60 2.36 5.59
N VAL C 573 -27.59 3.25 5.73
CA VAL C 573 -28.34 3.79 4.59
C VAL C 573 -28.59 5.28 4.84
N LEU C 574 -28.13 6.11 3.92
CA LEU C 574 -28.28 7.56 4.03
C LEU C 574 -29.71 7.96 3.71
N VAL C 575 -30.45 8.42 4.72
CA VAL C 575 -31.85 8.80 4.56
C VAL C 575 -32.08 10.15 5.22
N LYS C 576 -33.23 10.75 4.89
CA LYS C 576 -33.63 12.00 5.54
C LYS C 576 -33.89 11.74 7.01
N GLN C 577 -33.59 12.74 7.85
CA GLN C 577 -33.76 12.56 9.29
C GLN C 577 -35.20 12.21 9.64
N GLU C 578 -36.17 12.88 9.00
CA GLU C 578 -37.57 12.71 9.37
C GLU C 578 -38.03 11.29 9.10
N GLU C 579 -37.47 10.64 8.08
CA GLU C 579 -37.79 9.24 7.84
C GLU C 579 -37.26 8.36 8.96
N ALA C 580 -35.95 8.45 9.21
CA ALA C 580 -35.37 7.69 10.31
C ALA C 580 -35.98 8.07 11.64
N SER C 581 -36.38 9.33 11.78
CA SER C 581 -37.09 9.76 12.99
C SER C 581 -38.41 9.03 13.12
N LYS C 582 -39.19 8.96 12.04
CA LYS C 582 -40.48 8.29 12.07
C LYS C 582 -40.35 6.79 12.20
N LYS C 583 -39.29 6.20 11.64
CA LYS C 583 -39.13 4.75 11.76
C LYS C 583 -38.85 4.35 13.20
N GLY C 584 -37.63 4.64 13.67
CA GLY C 584 -37.25 4.33 15.02
C GLY C 584 -36.47 3.03 15.15
N ASN C 585 -37.11 2.02 15.75
CA ASN C 585 -36.46 0.78 16.15
C ASN C 585 -36.98 -0.43 15.38
N ARG C 586 -37.36 -0.23 14.12
CA ARG C 586 -38.08 -1.22 13.34
C ARG C 586 -37.32 -1.58 12.06
N THR C 587 -37.78 -2.63 11.40
CA THR C 587 -37.28 -3.00 10.09
C THR C 587 -37.90 -2.14 9.00
N PRO C 588 -37.25 -2.03 7.84
CA PRO C 588 -37.87 -1.29 6.74
C PRO C 588 -39.23 -1.85 6.34
N PHE C 589 -39.35 -3.17 6.16
CA PHE C 589 -40.64 -3.76 5.81
C PHE C 589 -41.72 -3.40 6.83
N GLN C 590 -41.38 -3.47 8.12
CA GLN C 590 -42.32 -3.05 9.16
C GLN C 590 -42.70 -1.59 8.98
N TYR C 591 -41.70 -0.71 9.05
CA TYR C 591 -42.00 0.72 9.09
C TYR C 591 -42.57 1.23 7.78
N LEU C 592 -42.22 0.59 6.65
CA LEU C 592 -42.77 1.03 5.37
C LEU C 592 -44.22 0.60 5.21
N SER C 593 -44.58 -0.58 5.72
CA SER C 593 -45.93 -1.08 5.52
C SER C 593 -46.94 -0.33 6.38
N SER C 594 -46.55 0.04 7.60
CA SER C 594 -47.44 0.80 8.49
C SER C 594 -47.87 2.10 7.83
N SER C 595 -48.99 2.67 8.28
CA SER C 595 -49.46 3.93 7.72
C SER C 595 -48.53 5.09 8.03
N ASP C 596 -47.58 4.91 8.94
CA ASP C 596 -46.68 6.01 9.32
C ASP C 596 -45.82 6.46 8.14
N SER C 597 -45.39 5.52 7.30
CA SER C 597 -44.59 5.85 6.12
C SER C 597 -45.51 6.06 4.93
N LYS C 598 -45.28 7.18 4.22
CA LYS C 598 -46.12 7.48 3.07
C LYS C 598 -45.84 6.52 1.90
N ILE C 599 -44.57 6.13 1.70
CA ILE C 599 -44.30 5.21 0.62
C ILE C 599 -44.70 3.82 1.08
N SER C 600 -44.71 2.86 0.16
CA SER C 600 -45.11 1.50 0.48
C SER C 600 -44.01 0.53 0.09
N TYR C 601 -44.03 -0.64 0.75
CA TYR C 601 -43.17 -1.75 0.35
C TYR C 601 -43.27 -2.04 -1.15
N GLU C 602 -44.47 -1.91 -1.71
CA GLU C 602 -44.69 -2.30 -3.10
C GLU C 602 -43.85 -1.44 -4.04
N THR C 603 -43.91 -0.12 -3.89
CA THR C 603 -43.03 0.75 -4.67
C THR C 603 -41.59 0.67 -4.17
N PHE C 604 -41.42 0.42 -2.86
CA PHE C 604 -40.08 0.15 -2.33
C PHE C 604 -39.50 -1.12 -2.91
N LYS C 605 -40.30 -2.19 -2.98
CA LYS C 605 -39.80 -3.46 -3.48
C LYS C 605 -39.34 -3.35 -4.93
N LYS C 606 -40.04 -2.53 -5.72
CA LYS C 606 -39.71 -2.44 -7.14
C LYS C 606 -38.51 -1.53 -7.38
N HIS C 607 -38.41 -0.42 -6.64
CA HIS C 607 -37.27 0.47 -6.82
C HIS C 607 -35.99 -0.11 -6.22
N ILE C 608 -36.11 -0.98 -5.21
CA ILE C 608 -34.94 -1.53 -4.54
C ILE C 608 -34.18 -2.47 -5.47
N LEU C 609 -34.88 -3.45 -6.06
CA LEU C 609 -34.21 -4.49 -6.82
C LEU C 609 -33.61 -3.96 -8.13
N ASN C 610 -34.27 -2.98 -8.75
CA ASN C 610 -33.78 -2.41 -10.01
C ASN C 610 -32.36 -1.89 -9.83
N LEU C 611 -32.11 -1.15 -8.75
CA LEU C 611 -30.75 -0.77 -8.40
C LEU C 611 -29.89 -2.00 -8.16
N ALA C 612 -30.44 -3.00 -7.47
CA ALA C 612 -29.65 -4.16 -7.07
C ALA C 612 -29.08 -4.89 -8.28
N LYS C 613 -29.84 -4.99 -9.36
CA LYS C 613 -29.34 -5.59 -10.58
C LYS C 613 -28.59 -4.57 -11.42
N GLY C 614 -27.54 -5.04 -12.11
CA GLY C 614 -26.77 -4.19 -12.99
C GLY C 614 -25.28 -4.17 -12.68
N LYS C 615 -24.74 -2.97 -12.44
CA LYS C 615 -23.33 -2.76 -12.12
C LYS C 615 -23.19 -1.49 -11.30
N GLY C 616 -22.07 -1.40 -10.59
CA GLY C 616 -21.92 -0.38 -9.55
C GLY C 616 -23.02 -0.53 -8.52
N ARG C 617 -23.37 -1.77 -8.20
CA ARG C 617 -24.63 -2.11 -7.55
C ARG C 617 -24.47 -2.25 -6.04
N ILE C 618 -25.63 -2.29 -5.37
CA ILE C 618 -25.68 -2.29 -3.91
C ILE C 618 -25.20 -3.63 -3.38
N SER C 619 -24.72 -3.63 -2.14
CA SER C 619 -24.21 -4.84 -1.51
C SER C 619 -25.34 -5.85 -1.37
N LYS C 620 -24.96 -7.11 -1.11
CA LYS C 620 -25.97 -8.16 -1.00
C LYS C 620 -26.50 -8.28 0.41
N THR C 621 -25.62 -8.31 1.41
CA THR C 621 -26.09 -8.31 2.79
C THR C 621 -26.97 -7.09 3.04
N LYS C 622 -26.63 -5.96 2.42
CA LYS C 622 -27.55 -4.82 2.33
C LYS C 622 -28.91 -5.27 1.84
N LYS C 623 -28.96 -5.86 0.64
CA LYS C 623 -30.21 -6.38 0.11
C LYS C 623 -30.82 -7.41 1.03
N GLU C 624 -29.99 -8.25 1.66
CA GLU C 624 -30.49 -9.16 2.67
C GLU C 624 -30.97 -8.43 3.92
N TYR C 625 -30.57 -7.17 4.11
CA TYR C 625 -30.91 -6.44 5.32
C TYR C 625 -32.22 -5.67 5.17
N LEU C 626 -32.29 -4.77 4.18
CA LEU C 626 -33.52 -4.03 3.90
C LEU C 626 -34.72 -4.96 3.69
N LEU C 627 -34.48 -6.10 3.04
CA LEU C 627 -35.58 -6.90 2.51
C LEU C 627 -36.27 -7.79 3.53
N GLU C 628 -35.61 -8.13 4.64
CA GLU C 628 -36.19 -9.10 5.55
C GLU C 628 -37.49 -8.59 6.14
N GLU C 629 -38.52 -9.45 6.12
CA GLU C 629 -39.87 -9.08 6.49
C GLU C 629 -40.32 -9.69 7.81
N ARG C 630 -39.48 -10.50 8.45
CA ARG C 630 -39.88 -11.19 9.68
C ARG C 630 -39.71 -10.27 10.89
N ASP C 631 -40.51 -10.53 11.91
CA ASP C 631 -40.52 -9.70 13.11
C ASP C 631 -39.23 -9.90 13.90
N ILE C 632 -38.74 -8.82 14.49
CA ILE C 632 -37.45 -8.86 15.20
C ILE C 632 -37.59 -9.53 16.56
N ASN C 633 -38.76 -9.43 17.20
CA ASN C 633 -38.88 -9.91 18.57
C ASN C 633 -38.97 -11.44 18.67
N ARG C 634 -39.54 -12.11 17.67
CA ARG C 634 -39.54 -13.57 17.67
C ARG C 634 -38.12 -14.11 17.71
N PHE C 635 -37.85 -15.01 18.67
CA PHE C 635 -36.47 -15.39 18.96
C PHE C 635 -35.85 -16.29 17.91
N SER C 636 -36.66 -17.12 17.24
CA SER C 636 -36.15 -17.96 16.17
C SER C 636 -35.55 -17.11 15.06
N VAL C 637 -35.71 -15.80 15.19
CA VAL C 637 -35.09 -14.83 14.28
C VAL C 637 -33.84 -14.22 14.89
N GLN C 638 -33.87 -13.91 16.19
CA GLN C 638 -32.77 -13.16 16.80
C GLN C 638 -31.47 -13.94 16.79
N LYS C 639 -31.51 -15.22 17.20
CA LYS C 639 -30.28 -15.99 17.26
C LYS C 639 -29.67 -16.21 15.88
N ASP C 640 -30.46 -16.10 14.81
CA ASP C 640 -29.89 -16.18 13.47
C ASP C 640 -28.92 -15.03 13.23
N PHE C 641 -29.31 -13.81 13.61
CA PHE C 641 -28.43 -12.65 13.44
C PHE C 641 -27.16 -12.81 14.25
N ILE C 642 -27.30 -13.13 15.54
CA ILE C 642 -26.13 -13.31 16.38
C ILE C 642 -25.25 -14.45 15.85
N ASN C 643 -25.86 -15.52 15.34
CA ASN C 643 -25.06 -16.56 14.70
C ASN C 643 -24.40 -16.08 13.40
N ARG C 644 -24.99 -15.11 12.73
CA ARG C 644 -24.52 -14.74 11.40
C ARG C 644 -23.41 -13.71 11.46
N ASN C 645 -23.76 -12.45 11.68
CA ASN C 645 -22.77 -11.38 11.73
C ASN C 645 -21.97 -11.42 13.02
N LEU C 646 -22.65 -11.62 14.15
CA LEU C 646 -22.05 -11.36 15.45
C LEU C 646 -20.98 -12.37 15.82
N VAL C 647 -21.31 -13.67 15.79
CA VAL C 647 -20.31 -14.66 16.17
C VAL C 647 -19.68 -15.13 14.87
N ASP C 648 -18.65 -15.97 14.95
CA ASP C 648 -18.01 -16.60 13.79
C ASP C 648 -17.40 -15.56 12.84
N ALA C 652 -7.35 -12.21 7.59
CA ALA C 652 -6.20 -12.43 8.46
C ALA C 652 -6.63 -13.08 9.76
N THR C 653 -7.86 -12.79 10.18
CA THR C 653 -8.43 -13.39 11.38
C THR C 653 -8.30 -14.91 11.32
N ARG C 654 -8.88 -15.51 10.28
CA ARG C 654 -8.71 -16.94 10.03
C ARG C 654 -7.23 -17.33 10.03
N GLY C 655 -6.38 -16.51 9.42
CA GLY C 655 -4.97 -16.81 9.38
C GLY C 655 -4.31 -16.73 10.74
N LEU C 656 -4.55 -15.63 11.47
CA LEU C 656 -3.92 -15.44 12.76
C LEU C 656 -4.18 -16.63 13.68
N MET C 657 -5.44 -17.06 13.74
CA MET C 657 -5.82 -18.11 14.69
C MET C 657 -5.01 -19.38 14.45
N ASN C 658 -4.75 -19.72 13.19
CA ASN C 658 -4.14 -20.99 12.88
C ASN C 658 -2.62 -20.96 13.04
N LEU C 659 -2.01 -19.77 13.14
CA LEU C 659 -0.64 -19.71 13.64
C LEU C 659 -0.61 -20.01 15.13
N LEU C 660 -1.69 -19.70 15.85
CA LEU C 660 -1.76 -19.96 17.28
C LEU C 660 -2.04 -21.43 17.57
N ARG C 661 -3.08 -21.99 16.93
CA ARG C 661 -3.38 -23.40 17.15
C ARG C 661 -2.26 -24.28 16.62
N SER C 662 -1.53 -23.82 15.59
CA SER C 662 -0.43 -24.62 15.08
C SER C 662 0.70 -24.72 16.11
N TYR C 663 1.04 -23.61 16.76
CA TYR C 663 1.98 -23.66 17.87
C TYR C 663 1.52 -24.66 18.92
N PHE C 664 0.24 -24.58 19.30
CA PHE C 664 -0.27 -25.39 20.39
C PHE C 664 -0.34 -26.86 19.99
N ARG C 665 -0.75 -27.14 18.76
CA ARG C 665 -0.88 -28.52 18.33
C ARG C 665 0.49 -29.17 18.08
N VAL C 666 1.48 -28.37 17.65
CA VAL C 666 2.82 -28.92 17.42
C VAL C 666 3.45 -29.37 18.74
N ASN C 667 3.23 -28.62 19.80
CA ASN C 667 3.90 -28.85 21.08
C ASN C 667 3.18 -29.87 21.96
N ASN C 668 2.12 -30.50 21.46
CA ASN C 668 1.27 -31.37 22.28
C ASN C 668 0.83 -30.64 23.54
N LEU C 669 0.58 -29.34 23.39
CA LEU C 669 0.23 -28.46 24.50
C LEU C 669 -1.22 -28.05 24.33
N ASP C 670 -2.06 -28.41 25.30
CA ASP C 670 -3.50 -28.20 25.21
C ASP C 670 -3.88 -26.85 25.79
N VAL C 671 -4.17 -25.89 24.91
CA VAL C 671 -4.84 -24.64 25.26
C VAL C 671 -5.85 -24.31 24.16
N LYS C 672 -7.07 -23.95 24.56
CA LYS C 672 -8.11 -23.66 23.59
C LYS C 672 -8.07 -22.19 23.19
N VAL C 673 -8.18 -21.94 21.87
CA VAL C 673 -8.14 -20.59 21.31
C VAL C 673 -9.33 -20.41 20.38
N LYS C 674 -10.11 -19.36 20.61
CA LYS C 674 -11.28 -19.05 19.82
C LYS C 674 -11.25 -17.60 19.40
N SER C 675 -12.23 -17.20 18.60
CA SER C 675 -12.36 -15.83 18.13
C SER C 675 -13.82 -15.42 18.16
N ILE C 676 -14.02 -14.11 18.03
CA ILE C 676 -15.33 -13.51 18.11
C ILE C 676 -15.25 -12.17 17.41
N ASN C 677 -16.32 -11.78 16.74
CA ASN C 677 -16.26 -10.60 15.89
C ASN C 677 -16.21 -9.33 16.74
N GLY C 678 -15.79 -8.24 16.10
CA GLY C 678 -15.58 -7.00 16.84
C GLY C 678 -16.87 -6.40 17.38
N GLY C 679 -17.94 -6.47 16.59
CA GLY C 679 -19.22 -5.89 16.99
C GLY C 679 -19.78 -6.42 18.30
N PHE C 680 -19.33 -7.60 18.74
CA PHE C 680 -19.80 -8.15 20.01
C PHE C 680 -19.51 -7.20 21.16
N THR C 681 -18.32 -6.62 21.16
CA THR C 681 -17.92 -5.72 22.23
C THR C 681 -18.44 -4.30 22.04
N SER C 682 -19.06 -4.00 20.89
CA SER C 682 -19.89 -2.81 20.82
C SER C 682 -21.29 -3.06 21.34
N PHE C 683 -21.63 -4.33 21.59
CA PHE C 683 -22.88 -4.80 22.18
C PHE C 683 -22.76 -4.98 23.69
N LEU C 684 -21.87 -5.89 24.11
CA LEU C 684 -21.75 -6.19 25.52
C LEU C 684 -21.45 -4.95 26.32
N ARG C 685 -20.73 -4.01 25.71
CA ARG C 685 -20.56 -2.70 26.29
C ARG C 685 -21.90 -1.98 26.45
N ARG C 686 -22.80 -2.18 25.49
CA ARG C 686 -24.07 -1.46 25.49
C ARG C 686 -25.02 -2.04 26.53
N LYS C 687 -25.27 -3.34 26.48
CA LYS C 687 -26.31 -3.94 27.32
C LYS C 687 -25.96 -3.86 28.80
N TRP C 688 -24.67 -3.93 29.15
CA TRP C 688 -24.20 -3.81 30.52
C TRP C 688 -23.99 -2.37 30.96
N LYS C 689 -24.44 -1.41 30.15
CA LYS C 689 -24.34 0.02 30.46
C LYS C 689 -22.90 0.44 30.75
N PHE C 690 -22.01 0.12 29.82
CA PHE C 690 -20.64 0.62 29.94
C PHE C 690 -20.55 2.03 29.34
N LYS C 691 -19.45 2.71 29.68
CA LYS C 691 -19.33 4.14 29.46
C LYS C 691 -19.38 4.50 27.98
N LYS C 692 -20.31 5.39 27.63
CA LYS C 692 -20.38 5.93 26.28
C LYS C 692 -19.26 6.94 26.04
N GLU C 693 -19.13 7.92 26.94
CA GLU C 693 -18.10 8.96 26.83
C GLU C 693 -16.74 8.33 27.07
N ARG C 694 -16.26 7.62 26.06
CA ARG C 694 -15.02 6.86 26.17
C ARG C 694 -13.85 7.81 25.97
N ASN C 695 -13.64 8.63 26.99
CA ASN C 695 -12.62 9.66 26.99
C ASN C 695 -11.62 9.48 28.11
N LYS C 696 -11.67 8.36 28.83
CA LYS C 696 -10.70 8.08 29.89
C LYS C 696 -9.30 7.84 29.35
N GLY C 697 -9.17 7.50 28.07
CA GLY C 697 -7.87 7.42 27.45
C GLY C 697 -7.52 6.07 26.86
N TYR C 698 -6.33 5.58 27.18
CA TYR C 698 -5.86 4.32 26.61
C TYR C 698 -6.54 3.13 27.26
N LYS C 699 -6.91 3.23 28.54
CA LYS C 699 -7.46 2.11 29.28
C LYS C 699 -8.80 1.64 28.73
N HIS C 700 -9.41 2.39 27.82
CA HIS C 700 -10.62 1.93 27.16
C HIS C 700 -10.34 0.81 26.16
N HIS C 701 -9.10 0.33 26.15
CA HIS C 701 -8.73 -0.90 25.47
C HIS C 701 -8.75 -2.08 26.44
N ALA C 702 -7.90 -2.03 27.47
CA ALA C 702 -7.81 -3.14 28.41
C ALA C 702 -9.16 -3.41 29.06
N GLU C 703 -10.04 -2.41 29.09
CA GLU C 703 -11.42 -2.65 29.46
C GLU C 703 -12.06 -3.68 28.53
N ASP C 704 -11.83 -3.54 27.23
CA ASP C 704 -12.43 -4.43 26.24
C ASP C 704 -11.99 -5.88 26.46
N ALA C 705 -10.67 -6.09 26.60
CA ALA C 705 -10.14 -7.45 26.70
C ALA C 705 -10.74 -8.20 27.88
N LEU C 706 -10.99 -7.50 29.00
CA LEU C 706 -11.68 -8.12 30.12
C LEU C 706 -13.11 -8.47 29.76
N ILE C 707 -13.80 -7.59 29.02
CA ILE C 707 -15.15 -7.90 28.56
C ILE C 707 -15.10 -9.11 27.61
N ILE C 708 -14.16 -9.10 26.68
CA ILE C 708 -13.93 -10.27 25.82
C ILE C 708 -13.69 -11.50 26.67
N ALA C 709 -13.02 -11.34 27.80
CA ALA C 709 -12.73 -12.46 28.68
C ALA C 709 -13.97 -12.91 29.44
N ASN C 710 -14.77 -11.96 29.91
CA ASN C 710 -16.06 -12.32 30.51
C ASN C 710 -16.97 -13.03 29.50
N ALA C 711 -16.82 -12.71 28.22
CA ALA C 711 -17.67 -13.28 27.18
C ALA C 711 -17.39 -14.78 27.01
N ASP C 712 -16.15 -15.11 26.65
CA ASP C 712 -15.76 -16.52 26.53
C ASP C 712 -16.09 -17.29 27.79
N PHE C 713 -15.96 -16.63 28.95
CA PHE C 713 -16.36 -17.24 30.21
C PHE C 713 -17.83 -17.66 30.16
N ILE C 714 -18.69 -16.78 29.65
CA ILE C 714 -20.10 -17.11 29.52
C ILE C 714 -20.29 -18.24 28.52
N PHE C 715 -19.59 -18.15 27.37
CA PHE C 715 -19.54 -19.29 26.45
C PHE C 715 -19.08 -20.55 27.17
N LYS C 716 -18.09 -20.43 28.07
CA LYS C 716 -17.50 -21.59 28.70
C LYS C 716 -18.49 -22.26 29.65
N GLU C 717 -18.92 -21.54 30.68
CA GLU C 717 -19.64 -22.14 31.79
C GLU C 717 -20.94 -22.80 31.34
N TRP C 718 -21.71 -22.11 30.50
CA TRP C 718 -23.00 -22.62 30.07
C TRP C 718 -22.86 -23.93 29.29
N LYS C 719 -23.92 -24.72 29.33
CA LYS C 719 -24.09 -25.84 28.40
C LYS C 719 -25.15 -25.56 27.35
N LYS C 720 -25.98 -24.54 27.52
CA LYS C 720 -26.79 -24.00 26.43
C LYS C 720 -25.96 -23.23 25.41
N LEU C 721 -24.67 -23.06 25.68
CA LEU C 721 -23.77 -22.33 24.79
C LEU C 721 -22.66 -23.19 24.22
N ASP C 722 -22.59 -24.48 24.56
CA ASP C 722 -21.49 -25.34 24.14
C ASP C 722 -21.62 -25.81 22.70
N LYS C 723 -22.71 -25.46 22.02
CA LYS C 723 -22.79 -25.66 20.58
C LYS C 723 -22.34 -24.43 19.80
N ALA C 724 -22.54 -23.24 20.37
CA ALA C 724 -22.03 -22.00 19.80
C ALA C 724 -20.60 -21.67 20.24
N LYS C 725 -20.17 -22.16 21.39
CA LYS C 725 -18.81 -21.97 21.87
C LYS C 725 -17.86 -23.08 21.39
N LYS C 726 -18.34 -23.97 20.53
CA LYS C 726 -17.55 -25.09 20.05
C LYS C 726 -16.98 -24.86 18.66
N VAL C 727 -17.81 -24.40 17.72
CA VAL C 727 -17.31 -24.09 16.39
C VAL C 727 -16.39 -22.87 16.43
N MET C 728 -16.46 -22.07 17.49
CA MET C 728 -15.55 -20.93 17.62
C MET C 728 -14.12 -21.42 17.86
N GLU C 729 -13.97 -22.48 18.64
CA GLU C 729 -12.69 -23.17 18.77
C GLU C 729 -12.45 -24.16 17.64
N ASN C 730 -13.40 -24.31 16.72
CA ASN C 730 -13.28 -25.17 15.54
C ASN C 730 -12.88 -26.59 15.92
N GLN C 731 -13.59 -27.14 16.90
CA GLN C 731 -13.40 -28.52 17.32
C GLN C 731 -14.39 -29.42 16.59
N MET C 732 -13.96 -30.65 16.33
CA MET C 732 -14.82 -31.62 15.66
C MET C 732 -15.76 -32.24 16.70
N PHE C 733 -17.06 -32.10 16.46
CA PHE C 733 -18.08 -32.69 17.32
C PHE C 733 -18.00 -34.21 17.33
N MET C 741 -27.86 -31.68 21.93
CA MET C 741 -27.11 -30.57 22.51
C MET C 741 -28.02 -29.35 22.66
N PRO C 742 -27.88 -28.64 23.78
CA PRO C 742 -28.82 -27.56 24.10
C PRO C 742 -28.56 -26.31 23.30
N GLU C 743 -29.64 -25.71 22.81
CA GLU C 743 -29.61 -24.42 22.13
C GLU C 743 -30.76 -23.58 22.65
N ILE C 744 -30.61 -22.27 22.51
CA ILE C 744 -31.54 -21.31 23.13
C ILE C 744 -32.85 -21.27 22.34
N GLU C 745 -33.95 -21.02 23.05
CA GLU C 745 -35.28 -21.29 22.52
C GLU C 745 -36.21 -20.07 22.46
N THR C 746 -36.10 -19.14 23.40
CA THR C 746 -36.86 -17.89 23.32
C THR C 746 -35.94 -16.73 23.68
N GLU C 747 -36.42 -15.50 23.41
CA GLU C 747 -35.59 -14.31 23.52
C GLU C 747 -35.34 -13.90 24.97
N GLN C 748 -36.22 -14.26 25.90
CA GLN C 748 -35.89 -14.03 27.30
C GLN C 748 -34.74 -14.93 27.74
N GLU C 749 -34.62 -16.14 27.17
CA GLU C 749 -33.51 -17.01 27.51
C GLU C 749 -32.17 -16.39 27.12
N TYR C 750 -32.03 -16.01 25.84
CA TYR C 750 -30.84 -15.31 25.39
C TYR C 750 -30.55 -14.11 26.28
N LYS C 751 -31.53 -13.21 26.40
CA LYS C 751 -31.38 -12.02 27.24
C LYS C 751 -31.13 -12.38 28.70
N GLU C 752 -31.35 -13.64 29.10
CA GLU C 752 -30.90 -14.11 30.41
C GLU C 752 -29.40 -14.41 30.41
N ILE C 753 -28.85 -14.90 29.30
CA ILE C 753 -27.47 -15.38 29.29
C ILE C 753 -26.48 -14.23 29.17
N PHE C 754 -26.74 -13.28 28.26
CA PHE C 754 -25.75 -12.26 27.91
C PHE C 754 -26.10 -10.88 28.44
N ILE C 755 -27.02 -10.80 29.41
CA ILE C 755 -27.27 -9.57 30.16
C ILE C 755 -26.92 -9.87 31.61
N THR C 756 -25.72 -9.47 32.01
CA THR C 756 -25.25 -9.55 33.40
C THR C 756 -24.66 -8.21 33.80
N PRO C 757 -25.50 -7.18 33.97
CA PRO C 757 -24.98 -5.87 34.39
C PRO C 757 -24.42 -5.86 35.79
N HIS C 758 -24.91 -6.74 36.67
CA HIS C 758 -24.55 -6.68 38.08
C HIS C 758 -23.26 -7.40 38.39
N GLN C 759 -22.92 -8.46 37.65
CA GLN C 759 -21.76 -9.28 37.96
C GLN C 759 -20.47 -8.74 37.36
N ILE C 760 -20.52 -7.61 36.65
CA ILE C 760 -19.33 -7.05 36.03
C ILE C 760 -18.75 -5.90 36.85
N LYS C 761 -19.22 -5.73 38.09
CA LYS C 761 -18.89 -4.55 38.87
C LYS C 761 -17.40 -4.45 39.18
N HIS C 762 -16.63 -5.51 38.90
CA HIS C 762 -15.22 -5.51 39.27
C HIS C 762 -14.37 -4.78 38.24
N ILE C 763 -14.82 -4.70 36.99
CA ILE C 763 -13.97 -4.15 35.92
C ILE C 763 -13.79 -2.65 36.09
N LYS C 764 -14.90 -1.93 36.26
CA LYS C 764 -14.83 -0.49 36.48
C LYS C 764 -14.01 -0.15 37.73
N ASP C 765 -14.08 -1.02 38.74
CA ASP C 765 -13.41 -0.75 40.00
C ASP C 765 -11.89 -0.90 39.86
N PHE C 766 -11.44 -1.70 38.91
CA PHE C 766 -10.02 -2.05 38.80
C PHE C 766 -9.18 -0.79 38.67
N LYS C 767 -8.09 -0.73 39.45
CA LYS C 767 -7.24 0.45 39.49
C LYS C 767 -5.75 0.15 39.33
N ASP C 768 -5.37 -1.07 38.94
CA ASP C 768 -3.97 -1.45 38.83
C ASP C 768 -3.54 -1.64 37.37
N TYR C 769 -4.19 -0.93 36.43
CA TYR C 769 -3.74 -0.96 35.04
C TYR C 769 -2.31 -0.48 34.93
N LYS C 770 -1.53 -1.18 34.10
CA LYS C 770 -0.13 -0.84 33.84
C LYS C 770 0.08 -0.73 32.34
N TYR C 771 0.74 0.33 31.91
CA TYR C 771 0.84 0.68 30.50
C TYR C 771 2.26 0.52 29.98
N SER C 772 2.35 0.16 28.70
CA SER C 772 3.60 -0.03 28.01
C SER C 772 3.54 0.70 26.68
N HIS C 773 4.54 1.54 26.41
CA HIS C 773 4.55 2.41 25.25
C HIS C 773 5.75 2.06 24.39
N ARG C 774 5.51 1.84 23.09
CA ARG C 774 6.57 1.37 22.22
C ARG C 774 7.57 2.47 21.89
N VAL C 775 8.85 2.14 21.97
CA VAL C 775 9.95 3.04 21.66
C VAL C 775 10.57 2.59 20.35
N ASP C 776 10.71 3.52 19.41
CA ASP C 776 11.27 3.22 18.10
C ASP C 776 12.77 3.47 18.13
N LYS C 777 13.55 2.40 18.31
CA LYS C 777 15.00 2.48 18.27
C LYS C 777 15.55 2.50 16.85
N LYS C 778 14.70 2.30 15.86
CA LYS C 778 15.18 2.07 14.51
C LYS C 778 15.78 3.34 13.91
N PRO C 779 16.96 3.24 13.25
CA PRO C 779 17.42 4.36 12.43
C PRO C 779 17.14 4.13 10.95
N ASN C 780 17.68 5.00 10.09
CA ASN C 780 17.35 5.08 8.67
C ASN C 780 15.89 5.49 8.46
N ARG C 781 15.31 6.13 9.46
CA ARG C 781 14.05 6.82 9.30
C ARG C 781 14.20 7.90 8.23
N GLU C 782 13.07 8.52 7.88
CA GLU C 782 13.11 9.59 6.89
C GLU C 782 13.99 10.71 7.42
N LEU C 783 15.18 10.84 6.83
CA LEU C 783 16.12 11.87 7.27
C LEU C 783 15.52 13.26 7.15
N ILE C 784 14.88 13.56 6.02
CA ILE C 784 14.38 14.91 5.80
C ILE C 784 13.48 14.97 4.58
N ASN C 785 12.74 16.07 4.43
CA ASN C 785 11.83 16.21 3.31
C ASN C 785 12.59 16.39 2.00
N ASP C 786 11.95 15.98 0.90
CA ASP C 786 12.63 15.95 -0.38
C ASP C 786 12.86 17.36 -0.93
N THR C 787 11.82 18.20 -0.94
CA THR C 787 11.85 19.43 -1.72
C THR C 787 12.98 20.35 -1.29
N LEU C 788 13.61 20.98 -2.26
CA LEU C 788 14.67 21.96 -2.02
C LEU C 788 14.08 23.36 -1.93
N TYR C 789 14.47 24.09 -0.90
CA TYR C 789 14.11 25.49 -0.73
C TYR C 789 15.30 26.40 -1.01
N SER C 790 15.02 27.52 -1.67
CA SER C 790 15.98 28.61 -1.77
C SER C 790 15.79 29.54 -0.57
N THR C 791 16.67 30.54 -0.46
CA THR C 791 16.59 31.50 0.63
C THR C 791 17.03 32.87 0.13
N ARG C 792 16.95 33.85 1.02
CA ARG C 792 17.50 35.18 0.80
C ARG C 792 17.98 35.73 2.15
N LYS C 793 18.39 36.99 2.15
CA LYS C 793 18.62 37.75 3.37
C LYS C 793 17.82 39.05 3.27
N ASP C 794 16.99 39.32 4.26
CA ASP C 794 16.13 40.49 4.23
C ASP C 794 16.95 41.73 4.56
N ASP C 795 16.26 42.87 4.71
CA ASP C 795 16.90 44.11 5.15
C ASP C 795 17.39 44.01 6.59
N LYS C 796 16.69 43.26 7.45
CA LYS C 796 17.08 43.17 8.85
C LYS C 796 18.37 42.38 9.02
N GLY C 797 18.53 41.29 8.27
CA GLY C 797 19.57 40.32 8.52
C GLY C 797 19.06 38.92 8.82
N ASN C 798 17.75 38.68 8.78
CA ASN C 798 17.21 37.33 8.87
C ASN C 798 17.47 36.58 7.57
N THR C 799 17.49 35.26 7.67
CA THR C 799 17.54 34.39 6.49
C THR C 799 16.14 33.83 6.28
N LEU C 800 15.66 33.88 5.03
CA LEU C 800 14.24 33.78 4.75
C LEU C 800 14.00 32.84 3.59
N ILE C 801 13.06 31.91 3.77
CA ILE C 801 12.72 30.87 2.81
C ILE C 801 11.67 31.38 1.82
N VAL C 802 11.79 31.00 0.55
CA VAL C 802 10.86 31.38 -0.49
C VAL C 802 10.10 30.15 -0.98
N ASN C 803 8.81 30.30 -1.22
CA ASN C 803 7.94 29.20 -1.62
C ASN C 803 7.31 29.49 -2.98
N ASN C 804 6.48 28.56 -3.45
CA ASN C 804 5.92 28.61 -4.80
C ASN C 804 4.42 28.35 -4.76
N LEU C 805 3.64 29.26 -5.34
CA LEU C 805 2.23 29.03 -5.63
C LEU C 805 2.14 28.54 -7.06
N ASN C 806 2.12 27.21 -7.22
CA ASN C 806 2.40 26.60 -8.52
C ASN C 806 1.19 26.73 -9.43
N GLY C 807 0.14 25.94 -9.18
CA GLY C 807 -1.00 25.92 -10.08
C GLY C 807 -1.72 27.25 -10.15
N LEU C 808 -1.86 27.80 -11.34
CA LEU C 808 -2.71 28.95 -11.57
C LEU C 808 -3.94 28.53 -12.36
N TYR C 809 -4.98 29.36 -12.27
CA TYR C 809 -6.25 29.12 -12.97
C TYR C 809 -6.92 27.84 -12.48
N ASP C 810 -6.93 27.64 -11.16
CA ASP C 810 -7.61 26.53 -10.52
C ASP C 810 -8.69 27.08 -9.60
N LYS C 811 -9.89 26.51 -9.69
CA LYS C 811 -11.00 26.98 -8.87
C LYS C 811 -10.74 26.78 -7.39
N ASP C 812 -9.99 25.72 -7.04
CA ASP C 812 -9.72 25.42 -5.63
C ASP C 812 -8.92 26.53 -4.96
N ASN C 813 -7.91 27.05 -5.66
CA ASN C 813 -6.95 27.96 -5.04
C ASN C 813 -7.49 29.38 -5.05
N ASP C 814 -7.84 29.88 -3.87
CA ASP C 814 -8.11 31.30 -3.65
C ASP C 814 -6.97 31.99 -2.91
N LYS C 815 -5.86 31.29 -2.65
CA LYS C 815 -4.80 31.84 -1.81
C LYS C 815 -4.12 33.03 -2.50
N LEU C 816 -4.15 33.04 -3.84
CA LEU C 816 -3.78 34.25 -4.58
C LEU C 816 -4.61 35.45 -4.10
N LYS C 817 -5.89 35.22 -3.85
CA LYS C 817 -6.77 36.26 -3.33
C LYS C 817 -6.49 36.55 -1.86
N LYS C 818 -6.25 35.49 -1.08
CA LYS C 818 -6.11 35.65 0.37
C LYS C 818 -4.81 36.34 0.73
N LEU C 819 -3.69 35.90 0.14
CA LEU C 819 -2.40 36.43 0.57
C LEU C 819 -2.18 37.86 0.07
N ILE C 820 -2.76 38.21 -1.07
CA ILE C 820 -2.65 39.60 -1.56
C ILE C 820 -3.33 40.55 -0.59
N ASN C 821 -4.52 40.20 -0.12
CA ASN C 821 -5.28 41.09 0.75
C ASN C 821 -4.85 41.01 2.22
N LYS C 822 -3.80 40.24 2.53
CA LYS C 822 -3.19 40.26 3.86
C LYS C 822 -1.69 40.03 3.67
N SER C 823 -0.91 41.10 3.79
CA SER C 823 0.55 41.13 3.68
C SER C 823 1.00 40.82 2.27
N PRO C 824 0.82 41.74 1.30
CA PRO C 824 1.43 41.54 -0.01
C PRO C 824 2.92 41.82 -0.02
N GLU C 825 3.49 42.27 1.10
CA GLU C 825 4.94 42.48 1.20
C GLU C 825 5.72 41.18 1.09
N LYS C 826 5.04 40.04 0.97
CA LYS C 826 5.68 38.74 0.84
C LYS C 826 5.76 38.30 -0.61
N LEU C 827 5.31 39.12 -1.55
CA LEU C 827 5.29 38.78 -2.96
C LEU C 827 6.54 39.37 -3.61
N LEU C 828 7.31 38.53 -4.31
CA LEU C 828 8.50 39.04 -4.97
C LEU C 828 8.15 39.96 -6.13
N MET C 829 6.98 39.74 -6.76
CA MET C 829 6.54 40.61 -7.85
C MET C 829 6.21 42.01 -7.35
N TYR C 830 5.78 42.12 -6.09
CA TYR C 830 5.41 43.41 -5.51
C TYR C 830 6.64 44.24 -5.15
N HIS C 831 7.67 43.59 -4.59
CA HIS C 831 8.85 44.32 -4.15
C HIS C 831 9.53 45.01 -5.32
N HIS C 832 9.98 44.23 -6.29
CA HIS C 832 10.58 44.72 -7.52
C HIS C 832 9.79 44.18 -8.69
N ASP C 833 9.95 44.84 -9.84
CA ASP C 833 9.07 44.65 -10.99
C ASP C 833 7.61 44.84 -10.57
N PRO C 834 7.26 45.89 -9.81
CA PRO C 834 5.85 46.08 -9.42
C PRO C 834 4.97 46.48 -10.58
N GLN C 835 5.58 46.74 -11.73
CA GLN C 835 4.84 47.12 -12.93
C GLN C 835 3.94 45.99 -13.38
N THR C 836 4.46 44.76 -13.34
CA THR C 836 3.63 43.58 -13.52
C THR C 836 2.59 43.45 -12.41
N TYR C 837 2.90 43.98 -11.22
CA TYR C 837 2.05 43.76 -10.05
C TYR C 837 0.72 44.47 -10.16
N GLN C 838 0.71 45.73 -10.59
CA GLN C 838 -0.54 46.47 -10.58
C GLN C 838 -1.54 45.89 -11.56
N LYS C 839 -1.06 45.22 -12.61
CA LYS C 839 -1.92 44.43 -13.45
C LYS C 839 -2.47 43.23 -12.68
N LEU C 840 -1.64 42.63 -11.83
CA LEU C 840 -2.08 41.52 -10.99
C LEU C 840 -3.17 41.96 -10.02
N LYS C 841 -2.96 43.10 -9.35
CA LYS C 841 -3.92 43.54 -8.34
C LYS C 841 -5.26 43.96 -8.93
N LEU C 842 -5.29 44.36 -10.20
CA LEU C 842 -6.53 44.86 -10.77
C LEU C 842 -7.52 43.74 -11.06
N ILE C 843 -7.04 42.60 -11.55
CA ILE C 843 -7.93 41.45 -11.71
C ILE C 843 -8.36 40.93 -10.34
N MET C 844 -7.49 41.06 -9.34
CA MET C 844 -7.83 40.64 -7.99
C MET C 844 -8.84 41.58 -7.34
N GLU C 845 -9.10 42.72 -7.98
CA GLU C 845 -10.18 43.61 -7.61
C GLU C 845 -11.32 43.60 -8.64
N GLN C 846 -11.04 43.16 -9.88
CA GLN C 846 -12.08 43.14 -10.91
C GLN C 846 -13.07 42.00 -10.66
N TYR C 847 -12.57 40.79 -10.44
CA TYR C 847 -13.38 39.65 -10.04
C TYR C 847 -13.15 39.30 -8.58
N GLY C 848 -13.11 40.32 -7.72
CA GLY C 848 -12.78 40.12 -6.32
C GLY C 848 -13.92 39.47 -5.55
N ASP C 849 -15.01 39.17 -6.25
CA ASP C 849 -16.12 38.44 -5.67
C ASP C 849 -16.08 36.94 -5.99
N GLU C 850 -15.10 36.49 -6.77
CA GLU C 850 -15.00 35.10 -7.15
C GLU C 850 -13.70 34.53 -6.58
N LYS C 851 -13.73 33.23 -6.26
CA LYS C 851 -12.71 32.67 -5.38
C LYS C 851 -11.31 32.84 -5.97
N ASN C 852 -11.15 32.61 -7.26
CA ASN C 852 -9.89 32.90 -7.95
C ASN C 852 -10.22 33.69 -9.21
N PRO C 853 -9.95 34.99 -9.23
CA PRO C 853 -10.30 35.80 -10.42
C PRO C 853 -9.59 35.38 -11.68
N LEU C 854 -8.53 34.55 -11.60
CA LEU C 854 -7.75 34.22 -12.79
C LEU C 854 -8.45 33.22 -13.68
N TYR C 855 -9.07 32.18 -13.12
CA TYR C 855 -9.89 31.30 -13.95
C TYR C 855 -10.98 32.11 -14.63
N LYS C 856 -11.72 32.90 -13.86
CA LYS C 856 -12.69 33.84 -14.43
C LYS C 856 -12.03 34.72 -15.48
N TYR C 857 -10.78 35.14 -15.24
CA TYR C 857 -10.07 35.91 -16.27
C TYR C 857 -9.70 35.03 -17.46
N TYR C 858 -9.11 33.86 -17.20
CA TYR C 858 -8.80 32.93 -18.29
C TYR C 858 -10.06 32.38 -18.95
N GLU C 859 -11.18 32.37 -18.23
CA GLU C 859 -12.46 32.00 -18.84
C GLU C 859 -12.83 32.98 -19.95
N GLU C 860 -12.78 34.28 -19.65
CA GLU C 860 -13.17 35.30 -20.62
C GLU C 860 -12.21 35.33 -21.81
N THR C 861 -10.95 35.71 -21.57
CA THR C 861 -10.03 35.99 -22.66
C THR C 861 -9.47 34.74 -23.33
N GLY C 862 -9.31 33.65 -22.59
CA GLY C 862 -8.60 32.52 -23.15
C GLY C 862 -7.12 32.76 -23.30
N ASN C 863 -6.53 33.56 -22.41
CA ASN C 863 -5.12 33.92 -22.48
C ASN C 863 -4.59 34.12 -21.08
N TYR C 864 -3.38 33.61 -20.82
CA TYR C 864 -2.82 33.54 -19.48
C TYR C 864 -2.34 34.93 -19.02
N LEU C 865 -2.09 35.05 -17.71
CA LEU C 865 -1.62 36.31 -17.14
C LEU C 865 -0.27 36.66 -17.74
N THR C 866 -0.22 37.75 -18.51
CA THR C 866 0.99 38.14 -19.24
C THR C 866 1.83 39.10 -18.41
N LYS C 867 3.14 38.87 -18.38
CA LYS C 867 4.04 39.78 -17.69
C LYS C 867 4.05 41.13 -18.41
N TYR C 868 4.29 42.20 -17.64
CA TYR C 868 4.22 43.55 -18.19
C TYR C 868 5.26 43.68 -19.30
N SER C 869 4.82 44.17 -20.44
CA SER C 869 5.75 44.50 -21.51
C SER C 869 5.12 45.60 -22.36
N LYS C 870 5.96 46.25 -23.17
CA LYS C 870 5.50 47.40 -23.92
C LYS C 870 4.63 47.00 -25.10
N LYS C 871 4.93 45.86 -25.73
CA LYS C 871 4.25 45.44 -26.95
C LYS C 871 3.55 44.10 -26.80
N ASP C 872 3.11 43.75 -25.58
CA ASP C 872 2.38 42.51 -25.29
C ASP C 872 3.25 41.26 -25.42
N ASN C 873 4.58 41.40 -25.42
CA ASN C 873 5.47 40.26 -25.56
C ASN C 873 5.93 39.69 -24.22
N GLY C 874 5.31 40.12 -23.12
CA GLY C 874 5.66 39.65 -21.81
C GLY C 874 5.39 38.17 -21.62
N PRO C 875 6.31 37.49 -20.95
CA PRO C 875 6.14 36.06 -20.70
C PRO C 875 4.96 35.78 -19.79
N VAL C 876 4.29 34.66 -20.03
CA VAL C 876 3.17 34.27 -19.19
C VAL C 876 3.66 33.94 -17.78
N ILE C 877 2.92 34.38 -16.78
CA ILE C 877 3.22 34.03 -15.39
C ILE C 877 2.62 32.65 -15.12
N LYS C 878 3.48 31.71 -14.72
CA LYS C 878 3.05 30.36 -14.41
C LYS C 878 3.40 29.96 -12.98
N LYS C 879 4.05 30.85 -12.23
CA LYS C 879 4.26 30.67 -10.79
C LYS C 879 4.61 32.04 -10.23
N ILE C 880 4.44 32.19 -8.92
CA ILE C 880 4.83 33.42 -8.25
C ILE C 880 5.45 33.06 -6.92
N LYS C 881 6.76 33.28 -6.78
CA LYS C 881 7.44 33.01 -5.53
C LYS C 881 6.92 33.92 -4.42
N TYR C 882 7.09 33.47 -3.18
CA TYR C 882 6.75 34.33 -2.05
C TYR C 882 7.56 33.93 -0.82
N TYR C 883 7.82 34.91 0.03
CA TYR C 883 8.64 34.73 1.22
C TYR C 883 7.98 33.73 2.18
N GLY C 884 8.81 33.16 3.06
CA GLY C 884 8.31 32.22 4.05
C GLY C 884 8.73 32.63 5.46
N ASN C 885 8.44 31.74 6.40
CA ASN C 885 8.82 31.97 7.78
C ASN C 885 10.30 31.66 7.98
N LYS C 886 10.94 32.41 8.87
CA LYS C 886 12.38 32.29 9.06
C LYS C 886 12.77 30.88 9.42
N LEU C 887 13.79 30.37 8.73
CA LEU C 887 14.23 28.99 8.92
C LEU C 887 15.09 28.88 10.18
N ASN C 888 14.53 28.27 11.22
CA ASN C 888 15.31 28.03 12.44
C ASN C 888 16.36 26.97 12.20
N ALA C 889 15.95 25.80 11.70
CA ALA C 889 16.83 24.66 11.44
C ALA C 889 16.82 24.36 9.96
N HIS C 890 17.99 24.00 9.43
CA HIS C 890 18.10 23.72 8.00
C HIS C 890 19.24 22.74 7.75
N LEU C 891 19.11 22.00 6.66
CA LEU C 891 20.20 21.15 6.15
C LEU C 891 20.89 21.92 5.02
N ASP C 892 22.12 22.36 5.26
CA ASP C 892 22.85 23.14 4.27
C ASP C 892 23.48 22.21 3.24
N ILE C 893 23.04 22.31 1.99
CA ILE C 893 23.61 21.55 0.89
C ILE C 893 24.11 22.47 -0.22
N THR C 894 24.42 23.73 0.13
CA THR C 894 24.82 24.70 -0.87
C THR C 894 26.05 24.26 -1.63
N ASP C 895 26.97 23.56 -0.94
CA ASP C 895 28.23 23.19 -1.58
C ASP C 895 28.00 22.28 -2.78
N ASP C 896 26.87 21.58 -2.82
CA ASP C 896 26.51 20.84 -4.03
C ASP C 896 26.36 21.77 -5.23
N TYR C 897 26.15 23.07 -5.00
CA TYR C 897 25.90 24.05 -6.02
C TYR C 897 26.97 25.15 -5.98
N PRO C 898 27.42 25.62 -7.14
CA PRO C 898 28.55 26.55 -7.14
C PRO C 898 28.13 28.01 -7.26
N ASN C 899 28.91 28.88 -6.63
CA ASN C 899 28.83 30.34 -6.80
C ASN C 899 27.43 30.88 -6.56
N SER C 900 26.60 30.18 -5.78
CA SER C 900 25.27 30.67 -5.48
C SER C 900 25.34 31.81 -4.47
N ARG C 901 24.43 32.78 -4.64
CA ARG C 901 24.39 33.93 -3.74
C ARG C 901 23.50 33.70 -2.53
N ASN C 902 22.68 32.66 -2.56
CA ASN C 902 21.76 32.36 -1.47
C ASN C 902 21.97 30.94 -0.99
N LYS C 903 21.41 30.63 0.18
CA LYS C 903 21.56 29.31 0.76
C LYS C 903 20.46 28.38 0.28
N VAL C 904 20.81 27.10 0.15
CA VAL C 904 19.93 26.06 -0.37
C VAL C 904 19.71 25.04 0.74
N VAL C 905 18.45 24.88 1.16
CA VAL C 905 18.13 24.07 2.34
C VAL C 905 16.89 23.22 2.08
N LYS C 906 16.84 22.08 2.76
CA LYS C 906 15.67 21.23 2.87
C LYS C 906 15.14 21.31 4.30
N LEU C 907 13.87 21.68 4.46
CA LEU C 907 13.30 21.83 5.78
C LEU C 907 12.91 20.44 6.32
N SER C 908 12.48 20.41 7.59
CA SER C 908 12.09 19.22 8.36
C SER C 908 13.31 18.57 8.97
N LEU C 909 14.25 19.38 9.46
CA LEU C 909 15.27 18.88 10.36
C LEU C 909 14.62 18.37 11.63
N LYS C 910 15.08 17.22 12.12
CA LYS C 910 14.43 16.55 13.23
C LYS C 910 15.45 16.17 14.28
N PRO C 911 15.07 16.20 15.57
CA PRO C 911 15.96 15.69 16.62
C PRO C 911 15.74 14.21 16.92
N TYR C 912 16.83 13.43 16.91
CA TYR C 912 16.71 11.99 17.10
C TYR C 912 16.50 11.67 18.58
N ARG C 913 17.46 12.06 19.42
CA ARG C 913 17.43 11.74 20.84
C ARG C 913 18.11 12.87 21.61
N PHE C 914 18.20 12.69 22.92
CA PHE C 914 18.88 13.68 23.76
C PHE C 914 19.34 13.03 25.06
N ASP C 915 20.65 13.05 25.31
CA ASP C 915 21.25 12.54 26.55
C ASP C 915 21.32 13.65 27.59
N VAL C 916 20.58 13.47 28.68
CA VAL C 916 20.72 14.37 29.81
C VAL C 916 22.05 14.12 30.51
N TYR C 917 22.72 15.18 30.92
CA TYR C 917 23.94 15.10 31.71
C TYR C 917 23.71 15.71 33.08
N LEU C 918 24.57 15.35 34.03
CA LEU C 918 24.52 15.92 35.38
C LEU C 918 25.83 16.65 35.59
N ASP C 919 25.79 17.97 35.44
CA ASP C 919 26.98 18.82 35.56
C ASP C 919 26.97 19.51 36.92
N ASN C 920 27.32 18.73 37.95
CA ASN C 920 27.62 19.26 39.27
C ASN C 920 26.42 19.99 39.88
N GLY C 921 25.34 19.23 40.09
CA GLY C 921 24.16 19.76 40.73
C GLY C 921 23.28 20.62 39.86
N VAL C 922 23.63 20.80 38.59
CA VAL C 922 22.81 21.52 37.62
C VAL C 922 22.62 20.63 36.41
N TYR C 923 21.36 20.47 35.99
CA TYR C 923 20.99 19.48 34.99
C TYR C 923 20.94 20.13 33.62
N LYS C 924 21.91 19.81 32.77
CA LYS C 924 21.94 20.19 31.37
C LYS C 924 21.80 18.94 30.49
N PHE C 925 21.64 19.16 29.19
CA PHE C 925 21.39 18.05 28.29
C PHE C 925 21.75 18.45 26.87
N VAL C 926 22.21 17.49 26.10
CA VAL C 926 22.44 17.71 24.67
C VAL C 926 21.26 17.13 23.92
N THR C 927 20.95 17.72 22.77
CA THR C 927 20.00 17.17 21.82
C THR C 927 20.76 16.75 20.57
N VAL C 928 20.49 15.53 20.10
CA VAL C 928 21.10 15.00 18.88
C VAL C 928 20.00 14.83 17.84
N LYS C 929 20.26 15.33 16.63
CA LYS C 929 19.26 15.37 15.58
C LYS C 929 19.30 14.12 14.71
N ASN C 930 18.22 13.93 13.94
CA ASN C 930 18.17 12.85 12.96
C ASN C 930 19.30 13.02 11.94
N LEU C 931 19.54 14.25 11.51
CA LEU C 931 20.57 14.51 10.51
C LEU C 931 21.95 14.12 11.01
N ASP C 932 22.13 14.05 12.33
CA ASP C 932 23.46 13.84 12.88
C ASP C 932 23.93 12.41 12.68
N VAL C 933 23.05 11.44 12.90
CA VAL C 933 23.43 10.04 12.86
C VAL C 933 23.83 9.64 11.44
N ILE C 934 25.14 9.63 11.18
CA ILE C 934 25.64 9.27 9.86
C ILE C 934 25.41 7.78 9.62
N LYS C 935 24.93 7.44 8.43
CA LYS C 935 24.74 6.05 8.04
C LYS C 935 26.08 5.44 7.62
N LYS C 936 26.14 4.12 7.66
CA LYS C 936 27.33 3.37 7.24
C LYS C 936 26.87 2.07 6.57
N GLU C 937 27.79 1.10 6.43
CA GLU C 937 27.53 -0.13 5.70
C GLU C 937 26.62 -1.09 6.46
N ASN C 938 26.79 -1.18 7.78
CA ASN C 938 25.94 -2.07 8.57
C ASN C 938 25.63 -1.47 9.94
N TYR C 939 25.86 -0.17 10.12
CA TYR C 939 25.56 0.46 11.39
C TYR C 939 25.36 1.96 11.17
N TYR C 940 24.72 2.60 12.15
CA TYR C 940 24.43 4.04 12.10
C TYR C 940 25.09 4.72 13.30
N GLU C 941 26.31 5.18 13.11
CA GLU C 941 27.07 5.80 14.17
C GLU C 941 26.71 7.28 14.31
N VAL C 942 27.10 7.87 15.43
CA VAL C 942 26.84 9.27 15.73
C VAL C 942 28.09 10.08 15.45
N ASN C 943 27.92 11.30 14.95
CA ASN C 943 29.04 12.17 14.59
C ASN C 943 29.60 12.80 15.86
N SER C 944 30.77 12.32 16.28
CA SER C 944 31.46 12.93 17.41
C SER C 944 31.93 14.33 17.10
N LYS C 945 32.04 14.69 15.82
CA LYS C 945 32.38 16.06 15.45
C LYS C 945 31.29 17.04 15.88
N ALA C 946 30.03 16.63 15.77
CA ALA C 946 28.93 17.51 16.13
C ALA C 946 28.48 17.32 17.57
N TYR C 947 28.56 16.09 18.09
CA TYR C 947 28.20 15.85 19.49
C TYR C 947 29.15 16.57 20.44
N GLU C 948 30.44 16.61 20.10
CA GLU C 948 31.40 17.28 20.97
C GLU C 948 31.19 18.80 20.95
N GLU C 949 31.07 19.38 19.75
CA GLU C 949 30.70 20.78 19.66
C GLU C 949 29.42 21.05 20.44
N ALA C 950 28.46 20.13 20.37
CA ALA C 950 27.21 20.30 21.10
C ALA C 950 27.41 20.17 22.61
N LYS C 951 28.49 19.51 23.05
CA LYS C 951 28.75 19.46 24.49
C LYS C 951 29.34 20.78 24.98
N LYS C 952 30.13 21.46 24.14
CA LYS C 952 30.62 22.78 24.50
C LYS C 952 29.55 23.84 24.29
N LEU C 953 28.78 23.74 23.19
CA LEU C 953 27.73 24.72 22.92
C LEU C 953 26.64 24.67 23.99
N LYS C 954 26.45 23.53 24.64
CA LYS C 954 25.53 23.42 25.76
C LYS C 954 26.19 23.67 27.10
N LYS C 955 27.45 24.12 27.10
CA LYS C 955 28.25 24.36 28.30
C LYS C 955 28.48 23.09 29.13
N ILE C 956 28.27 21.92 28.52
CA ILE C 956 28.63 20.66 29.19
C ILE C 956 30.14 20.56 29.30
N SER C 957 30.60 19.89 30.36
CA SER C 957 32.02 19.71 30.62
C SER C 957 32.35 18.23 30.66
N ASN C 958 33.66 17.95 30.71
CA ASN C 958 34.13 16.56 30.70
C ASN C 958 33.82 15.87 32.02
N GLN C 959 33.75 16.62 33.12
CA GLN C 959 33.68 16.02 34.45
C GLN C 959 32.27 15.56 34.82
N ALA C 960 31.25 16.04 34.12
CA ALA C 960 29.87 15.75 34.50
C ALA C 960 29.57 14.26 34.40
N GLU C 961 28.75 13.78 35.33
CA GLU C 961 28.23 12.43 35.24
C GLU C 961 27.29 12.30 34.05
N PHE C 962 27.19 11.11 33.50
CA PHE C 962 26.35 10.87 32.34
C PHE C 962 25.04 10.23 32.79
N ILE C 963 23.91 10.80 32.35
CA ILE C 963 22.59 10.24 32.59
C ILE C 963 22.11 9.64 31.28
N ALA C 964 21.30 8.58 31.37
CA ALA C 964 20.82 7.84 30.21
C ALA C 964 20.23 8.71 29.11
N SER C 965 20.02 8.12 27.93
CA SER C 965 19.39 8.79 26.79
C SER C 965 17.88 8.58 26.83
N PHE C 966 17.14 9.46 26.12
CA PHE C 966 15.69 9.48 26.20
C PHE C 966 15.10 9.61 24.79
N TYR C 967 14.96 8.48 24.09
CA TYR C 967 14.32 8.48 22.79
C TYR C 967 12.83 8.79 22.95
N ASN C 968 12.20 9.12 21.83
CA ASN C 968 10.77 9.42 21.86
C ASN C 968 10.01 8.23 22.42
N ASN C 969 9.00 8.52 23.26
CA ASN C 969 8.09 7.62 23.94
C ASN C 969 8.69 7.03 25.22
N ASP C 970 9.99 7.14 25.45
CA ASP C 970 10.55 6.75 26.74
C ASP C 970 9.94 7.58 27.86
N LEU C 971 10.06 7.05 29.08
CA LEU C 971 9.43 7.65 30.25
C LEU C 971 10.51 8.22 31.16
N ILE C 972 10.22 9.37 31.77
CA ILE C 972 11.21 10.12 32.51
C ILE C 972 10.62 10.60 33.83
N LYS C 973 11.46 10.64 34.86
CA LYS C 973 11.09 11.14 36.19
C LYS C 973 11.75 12.49 36.40
N ILE C 974 10.99 13.55 36.16
CA ILE C 974 11.38 14.92 36.45
C ILE C 974 10.58 15.38 37.66
N ASN C 975 11.28 15.78 38.73
CA ASN C 975 10.65 16.26 39.95
C ASN C 975 9.62 15.26 40.47
N GLY C 976 10.01 13.99 40.48
CA GLY C 976 9.18 12.94 41.05
C GLY C 976 7.94 12.64 40.25
N GLU C 977 7.70 13.40 39.18
CA GLU C 977 6.54 13.21 38.33
C GLU C 977 6.95 12.51 37.04
N LEU C 978 6.06 11.67 36.54
CA LEU C 978 6.36 10.77 35.43
C LEU C 978 5.52 11.15 34.21
N TYR C 979 6.19 11.27 33.06
CA TYR C 979 5.54 11.53 31.79
C TYR C 979 6.32 10.81 30.69
N ARG C 980 5.75 10.83 29.48
CA ARG C 980 6.38 10.19 28.33
C ARG C 980 6.97 11.24 27.39
N VAL C 981 8.19 10.97 26.93
CA VAL C 981 8.97 11.95 26.18
C VAL C 981 8.48 11.95 24.74
N ILE C 982 7.86 13.05 24.32
CA ILE C 982 7.53 13.20 22.91
C ILE C 982 8.78 13.60 22.10
N GLY C 983 9.66 14.39 22.69
CA GLY C 983 10.88 14.80 22.03
C GLY C 983 11.34 16.13 22.57
N VAL C 984 12.39 16.66 21.93
CA VAL C 984 12.95 17.96 22.28
C VAL C 984 12.16 19.02 21.52
N ASN C 985 11.37 19.82 22.26
CA ASN C 985 10.68 20.94 21.62
C ASN C 985 11.68 21.96 21.11
N ASN C 986 12.71 22.24 21.90
CA ASN C 986 13.69 23.25 21.50
C ASN C 986 14.98 23.01 22.27
N ASP C 987 16.01 22.56 21.56
CA ASP C 987 17.34 22.47 22.16
C ASP C 987 17.84 23.83 22.60
N LEU C 988 17.69 24.85 21.74
CA LEU C 988 18.20 26.18 22.05
C LEU C 988 17.45 26.80 23.23
N LEU C 989 16.15 26.52 23.35
CA LEU C 989 15.37 27.08 24.44
C LEU C 989 15.35 26.18 25.67
N ASN C 990 16.08 25.07 25.66
CA ASN C 990 16.20 24.18 26.81
C ASN C 990 14.83 23.61 27.19
N ARG C 991 14.18 22.99 26.22
CA ARG C 991 12.82 22.50 26.38
C ARG C 991 12.72 21.06 25.90
N ILE C 992 11.74 20.34 26.46
CA ILE C 992 11.21 19.12 25.85
C ILE C 992 9.69 19.12 26.06
N GLU C 993 8.98 18.51 25.13
CA GLU C 993 7.53 18.33 25.25
C GLU C 993 7.25 16.87 25.61
N VAL C 994 6.41 16.68 26.64
CA VAL C 994 5.98 15.35 27.06
C VAL C 994 4.46 15.29 26.96
N ASN C 995 3.94 14.08 27.07
CA ASN C 995 2.49 13.84 27.05
C ASN C 995 2.19 12.77 28.07
N MET C 996 0.94 12.71 28.52
CA MET C 996 0.61 11.83 29.62
C MET C 996 0.53 10.38 29.17
N ILE C 997 0.36 9.49 30.14
CA ILE C 997 0.59 8.07 29.95
C ILE C 997 -0.73 7.34 29.83
N ASP C 998 -1.60 7.49 30.83
CA ASP C 998 -2.90 6.85 30.82
C ASP C 998 -3.92 7.59 29.96
N ILE C 999 -3.48 8.63 29.26
CA ILE C 999 -4.37 9.52 28.55
C ILE C 999 -3.51 10.45 27.70
N THR C 1000 -4.09 11.00 26.65
CA THR C 1000 -3.48 12.12 25.95
C THR C 1000 -3.87 13.41 26.66
N TYR C 1001 -2.92 14.35 26.75
CA TYR C 1001 -3.11 15.53 27.59
C TYR C 1001 -4.33 16.35 27.18
N ARG C 1002 -4.51 16.57 25.87
CA ARG C 1002 -5.70 17.27 25.39
C ARG C 1002 -6.96 16.67 25.98
N GLU C 1003 -6.98 15.35 26.08
CA GLU C 1003 -8.13 14.61 26.56
C GLU C 1003 -8.26 14.75 28.08
N TYR C 1004 -7.12 14.72 28.78
CA TYR C 1004 -7.09 15.12 30.20
C TYR C 1004 -7.61 16.54 30.38
N LEU C 1005 -7.18 17.46 29.51
CA LEU C 1005 -7.65 18.83 29.59
C LEU C 1005 -9.15 18.91 29.34
N GLU C 1006 -9.63 18.21 28.31
CA GLU C 1006 -11.07 18.21 28.03
C GLU C 1006 -11.88 17.63 29.19
N ASN C 1007 -11.28 16.73 29.97
CA ASN C 1007 -11.90 16.32 31.22
C ASN C 1007 -11.78 17.41 32.28
N MET C 1008 -10.65 18.12 32.29
CA MET C 1008 -10.44 19.20 33.24
C MET C 1008 -11.10 20.49 32.77
N ASN C 1009 -11.30 20.64 31.46
CA ASN C 1009 -11.96 21.78 30.82
C ASN C 1009 -11.16 23.07 31.00
N ASP C 1010 -9.84 22.95 31.14
CA ASP C 1010 -9.02 24.09 31.50
C ASP C 1010 -8.77 24.98 30.29
N LYS C 1011 -8.44 24.37 29.15
CA LYS C 1011 -8.17 25.10 27.91
C LYS C 1011 -6.91 25.94 28.03
N ARG C 1012 -5.92 25.42 28.75
CA ARG C 1012 -4.55 25.84 28.50
C ARG C 1012 -4.19 25.37 27.09
N PRO C 1013 -3.14 25.91 26.49
CA PRO C 1013 -2.62 25.31 25.27
C PRO C 1013 -2.32 23.85 25.48
N PRO C 1014 -3.05 22.97 24.79
CA PRO C 1014 -3.05 21.52 25.13
C PRO C 1014 -1.79 20.80 24.69
N ARG C 1015 -0.67 21.19 25.30
CA ARG C 1015 0.60 20.50 25.14
C ARG C 1015 1.41 20.75 26.40
N ILE C 1016 2.18 19.76 26.82
CA ILE C 1016 3.07 19.92 27.97
C ILE C 1016 4.44 20.31 27.45
N ILE C 1017 5.04 21.32 28.06
CA ILE C 1017 6.35 21.79 27.62
C ILE C 1017 7.21 22.07 28.86
N LYS C 1018 7.61 21.01 29.56
CA LYS C 1018 8.42 21.17 30.75
C LYS C 1018 9.77 21.76 30.40
N THR C 1019 10.29 22.61 31.28
CA THR C 1019 11.50 23.38 31.03
C THR C 1019 12.63 22.84 31.90
N ILE C 1020 13.64 22.23 31.26
CA ILE C 1020 14.85 21.85 31.96
C ILE C 1020 15.47 23.10 32.58
N ALA C 1021 15.95 22.97 33.81
CA ALA C 1021 16.58 24.09 34.49
C ALA C 1021 17.58 23.56 35.51
N SER C 1022 18.39 24.48 36.03
CA SER C 1022 19.15 24.18 37.24
C SER C 1022 18.22 23.74 38.36
N LYS C 1023 17.00 24.27 38.37
CA LYS C 1023 16.08 24.04 39.49
C LYS C 1023 15.55 22.62 39.50
N THR C 1024 15.54 21.94 38.35
CA THR C 1024 14.96 20.61 38.23
C THR C 1024 15.59 19.66 39.24
N GLN C 1025 14.74 19.05 40.08
CA GLN C 1025 15.22 18.34 41.25
C GLN C 1025 15.78 16.96 40.89
N SER C 1026 15.08 16.19 40.06
CA SER C 1026 15.48 14.81 39.84
C SER C 1026 15.28 14.43 38.38
N ILE C 1027 16.18 13.57 37.89
CA ILE C 1027 16.06 13.00 36.56
C ILE C 1027 16.32 11.51 36.59
N LYS C 1028 15.24 10.71 36.54
CA LYS C 1028 15.34 9.27 36.43
C LYS C 1028 14.64 8.81 35.16
N LYS C 1029 15.19 7.74 34.56
CA LYS C 1029 14.67 7.18 33.32
C LYS C 1029 13.92 5.90 33.64
N TYR C 1030 12.63 5.87 33.30
CA TYR C 1030 11.81 4.69 33.49
C TYR C 1030 11.39 4.16 32.12
N SER C 1031 11.46 2.85 31.95
CA SER C 1031 10.93 2.20 30.77
C SER C 1031 9.97 1.11 31.22
N THR C 1032 9.29 0.50 30.27
CA THR C 1032 8.31 -0.52 30.57
C THR C 1032 8.51 -1.73 29.69
N ASP C 1033 8.34 -2.91 30.27
CA ASP C 1033 8.29 -4.12 29.49
C ASP C 1033 7.03 -4.13 28.65
N ILE C 1034 6.92 -5.15 27.80
CA ILE C 1034 5.77 -5.21 26.92
C ILE C 1034 4.48 -5.43 27.71
N LEU C 1035 4.57 -6.16 28.83
CA LEU C 1035 3.39 -6.41 29.65
C LEU C 1035 2.80 -5.14 30.23
N GLY C 1036 3.65 -4.18 30.58
CA GLY C 1036 3.21 -2.94 31.19
C GLY C 1036 3.89 -2.62 32.51
N ASN C 1037 4.72 -3.51 33.04
CA ASN C 1037 5.43 -3.23 34.28
C ASN C 1037 6.47 -2.15 34.06
N LEU C 1038 6.74 -1.38 35.11
CA LEU C 1038 7.73 -0.30 35.06
C LEU C 1038 8.99 -0.75 35.78
N TYR C 1039 10.15 -0.39 35.21
CA TYR C 1039 11.43 -0.77 35.82
C TYR C 1039 12.43 0.38 35.68
N GLU C 1040 13.16 0.63 36.78
CA GLU C 1040 14.22 1.62 36.76
C GLU C 1040 15.45 1.08 36.05
N VAL C 1041 16.05 1.92 35.20
CA VAL C 1041 17.27 1.58 34.49
C VAL C 1041 18.41 2.46 35.00
N LYS C 1042 19.55 1.83 35.27
CA LYS C 1042 20.77 2.53 35.65
C LYS C 1042 21.72 2.55 34.47
N SER C 1043 22.17 3.73 34.09
CA SER C 1043 23.03 3.90 32.93
C SER C 1043 24.36 4.49 33.36
N LYS C 1044 25.43 4.05 32.69
CA LYS C 1044 26.77 4.54 32.95
C LYS C 1044 27.48 5.15 31.74
N LYS C 1045 27.12 4.81 30.51
CA LYS C 1045 27.89 5.31 29.37
C LYS C 1045 27.02 5.56 28.15
N HIS C 1046 27.38 6.55 27.35
CA HIS C 1046 26.48 6.81 26.23
C HIS C 1046 26.96 6.03 24.99
N PRO C 1047 26.03 5.46 24.20
CA PRO C 1047 26.47 4.78 22.96
C PRO C 1047 26.22 5.58 21.71
N GLN C 1048 27.07 5.43 20.69
CA GLN C 1048 26.91 6.17 19.45
C GLN C 1048 26.66 5.29 18.23
N ILE C 1049 26.52 3.97 18.38
CA ILE C 1049 26.50 3.06 17.25
C ILE C 1049 25.25 2.18 17.31
N ILE C 1050 24.47 2.19 16.22
CA ILE C 1050 23.30 1.33 16.05
C ILE C 1050 23.46 0.58 14.74
N LYS C 1051 23.09 -0.70 14.74
CA LYS C 1051 23.34 -1.60 13.60
C LYS C 1051 22.05 -1.87 12.84
N LYS C 1052 21.88 -1.24 11.68
CA LYS C 1052 20.74 -1.49 10.80
C LYS C 1052 21.07 -1.13 9.35
#